data_1N2T
#
_entry.id   1N2T
#
_cell.length_a   62.752
_cell.length_b   66.237
_cell.length_c   172.792
_cell.angle_alpha   90.00
_cell.angle_beta   90.00
_cell.angle_gamma   90.00
#
_symmetry.space_group_name_H-M   'P 21 21 21'
#
loop_
_entity.id
_entity.type
_entity.pdbx_description
1 polymer 'L-cysteine/cystine lyase C-DES'
2 non-polymer 'POTASSIUM ION'
3 non-polymer "PYRIDOXAL-5'-PHOSPHATE"
4 non-polymer GLYCINE
5 water water
#
_entity_poly.entity_id   1
_entity_poly.type   'polypeptide(L)'
_entity_poly.pdbx_seq_one_letter_code
;TPDRHQFPGLANKTYFNFGGQGILPTVALEAITAMYGYLQENGPFSIAANQHIQQLIAQLRQALAETFNVDPNTITITDN
VTTGCDIVLWGLDWHQGDEILLTDCEHPGIIAIVQAIAARFGITYRFFPVAATLNQGDAAAVLANHLGPKTRLVILSHLL
WNTGQVLPLAEIMAVCRRHQGNYPVRVLVDGAQSAGSLPLDFSRLEVDYYAFTGHAWFAGPAGVGGLYIHGDCLGEINPT
YVGWRSITYGAKGEPTGWAEGGKRFEVATSAYPQYAGLLAALQLHQRQGTAEERYQAICQRSEFLWRGLNQLPHVHCLAT
SAPQAGLVSFTVDSPLGHRAIVQKLEEQRIYLRTIADPDCIRACCHYITDEEEINHLLARLADFGP
;
_entity_poly.pdbx_strand_id   A,B
#
# COMPACT_ATOMS: atom_id res chain seq x y z
N THR A 1 28.07 19.83 10.54
CA THR A 1 28.74 18.59 11.05
C THR A 1 27.69 17.52 11.28
N PRO A 2 27.47 16.66 10.28
CA PRO A 2 26.48 15.59 10.39
C PRO A 2 26.92 14.43 11.28
N ASP A 3 25.97 13.83 11.98
CA ASP A 3 26.25 12.71 12.87
C ASP A 3 26.07 11.42 12.10
N ARG A 4 27.11 11.06 11.34
CA ARG A 4 27.13 9.88 10.49
C ARG A 4 26.86 8.58 11.24
N HIS A 5 27.17 8.57 12.53
CA HIS A 5 26.98 7.38 13.34
C HIS A 5 25.51 6.97 13.45
N GLN A 6 24.60 7.91 13.22
CA GLN A 6 23.16 7.65 13.28
C GLN A 6 22.73 6.78 12.08
N PHE A 7 23.57 6.70 11.06
CA PHE A 7 23.30 5.94 9.85
C PHE A 7 24.36 4.85 9.72
N PRO A 8 24.23 3.76 10.49
CA PRO A 8 25.20 2.65 10.47
C PRO A 8 25.53 2.05 9.11
N GLY A 9 24.59 2.10 8.17
CA GLY A 9 24.84 1.54 6.86
C GLY A 9 25.96 2.18 6.07
N LEU A 10 26.33 3.40 6.43
CA LEU A 10 27.40 4.11 5.73
C LEU A 10 28.77 3.45 5.90
N ALA A 11 29.01 2.95 7.11
CA ALA A 11 30.28 2.36 7.53
C ALA A 11 31.16 1.51 6.62
N ASN A 12 30.67 0.36 6.17
CA ASN A 12 31.55 -0.48 5.35
C ASN A 12 31.28 -0.54 3.86
N LYS A 13 30.87 0.60 3.29
CA LYS A 13 30.58 0.70 1.88
C LYS A 13 30.69 2.17 1.48
N THR A 14 30.56 2.46 0.18
CA THR A 14 30.62 3.84 -0.30
C THR A 14 29.30 4.05 -1.03
N TYR A 15 28.30 4.54 -0.32
CA TYR A 15 26.95 4.70 -0.86
C TYR A 15 26.58 6.02 -1.52
N PHE A 16 26.09 5.93 -2.75
CA PHE A 16 25.66 7.10 -3.53
C PHE A 16 24.29 6.86 -4.17
N ASN A 17 23.46 6.01 -3.55
CA ASN A 17 22.14 5.71 -4.09
C ASN A 17 20.94 6.21 -3.26
N PHE A 18 21.11 7.33 -2.55
CA PHE A 18 20.03 7.89 -1.74
C PHE A 18 18.77 8.16 -2.55
N GLY A 19 18.94 8.50 -3.82
CA GLY A 19 17.80 8.77 -4.68
C GLY A 19 16.94 7.55 -4.95
N GLY A 20 17.54 6.36 -4.82
CA GLY A 20 16.87 5.09 -5.01
C GLY A 20 16.21 4.74 -3.68
N GLN A 21 17.02 4.71 -2.63
CA GLN A 21 16.52 4.47 -1.27
C GLN A 21 17.58 4.98 -0.30
N GLY A 22 17.16 5.70 0.74
CA GLY A 22 18.12 6.20 1.71
C GLY A 22 18.61 5.18 2.73
N ILE A 23 19.76 5.43 3.34
CA ILE A 23 20.28 4.53 4.38
C ILE A 23 19.41 4.79 5.62
N LEU A 24 18.83 3.72 6.19
CA LEU A 24 17.93 3.80 7.34
C LEU A 24 18.64 4.14 8.66
N PRO A 25 18.22 5.21 9.34
CA PRO A 25 18.90 5.54 10.60
C PRO A 25 18.50 4.63 11.76
N THR A 26 19.40 4.47 12.70
CA THR A 26 19.15 3.62 13.86
C THR A 26 17.83 3.93 14.52
N VAL A 27 17.53 5.21 14.71
CA VAL A 27 16.30 5.56 15.36
C VAL A 27 15.06 5.07 14.60
N ALA A 28 15.17 4.91 13.29
CA ALA A 28 14.03 4.44 12.51
C ALA A 28 13.81 2.96 12.78
N LEU A 29 14.89 2.18 12.79
CA LEU A 29 14.76 0.75 13.05
C LEU A 29 14.26 0.52 14.50
N GLU A 30 14.71 1.36 15.44
CA GLU A 30 14.24 1.21 16.82
C GLU A 30 12.73 1.44 16.92
N ALA A 31 12.22 2.44 16.20
CA ALA A 31 10.79 2.77 16.23
C ALA A 31 9.94 1.65 15.60
N ILE A 32 10.46 1.05 14.54
CA ILE A 32 9.77 -0.03 13.87
C ILE A 32 9.68 -1.23 14.81
N THR A 33 10.82 -1.60 15.38
CA THR A 33 10.89 -2.72 16.32
C THR A 33 9.99 -2.48 17.54
N ALA A 34 10.01 -1.25 18.05
CA ALA A 34 9.18 -0.92 19.21
C ALA A 34 7.69 -1.03 18.93
N MET A 35 7.27 -0.72 17.70
CA MET A 35 5.84 -0.82 17.37
C MET A 35 5.37 -2.26 17.31
N TYR A 36 6.20 -3.14 16.78
CA TYR A 36 5.84 -4.56 16.75
C TYR A 36 5.67 -5.04 18.20
N GLY A 37 6.58 -4.60 19.07
CA GLY A 37 6.53 -4.98 20.48
C GLY A 37 5.28 -4.43 21.14
N TYR A 38 4.90 -3.19 20.83
CA TYR A 38 3.70 -2.62 21.44
C TYR A 38 2.45 -3.40 21.00
N LEU A 39 2.38 -3.72 19.72
CA LEU A 39 1.24 -4.46 19.20
C LEU A 39 1.17 -5.87 19.79
N GLN A 40 2.32 -6.48 20.02
CA GLN A 40 2.32 -7.83 20.59
C GLN A 40 1.88 -7.81 22.06
N GLU A 41 2.31 -6.78 22.79
CA GLU A 41 1.98 -6.69 24.21
C GLU A 41 0.58 -6.22 24.51
N ASN A 42 0.06 -5.36 23.65
CA ASN A 42 -1.26 -4.77 23.88
C ASN A 42 -2.36 -5.21 22.94
N GLY A 43 -2.05 -6.00 21.93
CA GLY A 43 -3.09 -6.44 21.02
C GLY A 43 -2.75 -7.76 20.34
N PRO A 44 -2.45 -7.74 19.02
CA PRO A 44 -2.40 -6.60 18.08
C PRO A 44 -3.69 -5.88 17.69
N PHE A 45 -4.85 -6.50 17.89
CA PHE A 45 -6.13 -5.86 17.56
C PHE A 45 -6.86 -5.67 18.87
N SER A 46 -7.10 -4.42 19.25
CA SER A 46 -7.77 -4.13 20.51
C SER A 46 -8.01 -2.64 20.62
N ILE A 47 -8.76 -2.24 21.65
CA ILE A 47 -9.04 -0.83 21.87
C ILE A 47 -7.72 -0.08 22.06
N ALA A 48 -6.85 -0.59 22.94
CA ALA A 48 -5.57 0.08 23.19
C ALA A 48 -4.68 0.14 21.95
N ALA A 49 -4.56 -0.99 21.25
CA ALA A 49 -3.72 -1.01 20.05
C ALA A 49 -4.30 -0.12 18.94
N ASN A 50 -5.61 -0.22 18.70
CA ASN A 50 -6.22 0.60 17.65
C ASN A 50 -6.08 2.09 17.95
N GLN A 51 -6.17 2.47 19.23
CA GLN A 51 -6.00 3.88 19.58
C GLN A 51 -4.56 4.33 19.36
N HIS A 52 -3.61 3.45 19.72
CA HIS A 52 -2.19 3.73 19.56
C HIS A 52 -1.82 3.92 18.08
N ILE A 53 -2.45 3.12 17.22
CA ILE A 53 -2.24 3.21 15.77
C ILE A 53 -2.80 4.53 15.22
N GLN A 54 -4.00 4.89 15.64
CA GLN A 54 -4.61 6.14 15.18
C GLN A 54 -3.79 7.35 15.65
N GLN A 55 -3.24 7.27 16.85
CA GLN A 55 -2.43 8.37 17.37
C GLN A 55 -1.12 8.47 16.56
N LEU A 56 -0.55 7.32 16.22
CA LEU A 56 0.70 7.29 15.45
C LEU A 56 0.48 7.92 14.06
N ILE A 57 -0.66 7.60 13.45
CA ILE A 57 -0.99 8.13 12.12
C ILE A 57 -1.16 9.67 12.14
N ALA A 58 -1.78 10.19 13.19
CA ALA A 58 -1.99 11.62 13.30
C ALA A 58 -0.67 12.32 13.47
N GLN A 59 0.22 11.67 14.22
CA GLN A 59 1.54 12.19 14.51
C GLN A 59 2.38 12.27 13.23
N LEU A 60 2.31 11.25 12.39
CA LEU A 60 3.06 11.27 11.13
C LEU A 60 2.45 12.34 10.19
N ARG A 61 1.12 12.40 10.11
CA ARG A 61 0.45 13.37 9.25
C ARG A 61 0.87 14.79 9.64
N GLN A 62 1.02 15.01 10.95
CA GLN A 62 1.40 16.32 11.46
C GLN A 62 2.87 16.65 11.16
N ALA A 63 3.75 15.67 11.26
CA ALA A 63 5.17 15.90 11.02
C ALA A 63 5.40 16.23 9.54
N LEU A 64 4.63 15.57 8.67
CA LEU A 64 4.72 15.79 7.23
C LEU A 64 4.20 17.19 6.94
N ALA A 65 3.07 17.54 7.53
CA ALA A 65 2.47 18.85 7.36
C ALA A 65 3.45 19.96 7.74
N GLU A 66 4.16 19.78 8.86
CA GLU A 66 5.13 20.77 9.33
C GLU A 66 6.36 20.85 8.41
N THR A 67 6.71 19.71 7.82
CA THR A 67 7.85 19.65 6.91
C THR A 67 7.65 20.60 5.71
N PHE A 68 6.42 20.66 5.19
CA PHE A 68 6.11 21.49 4.04
C PHE A 68 5.38 22.79 4.40
N ASN A 69 5.26 23.05 5.70
CA ASN A 69 4.59 24.24 6.21
C ASN A 69 3.14 24.40 5.72
N VAL A 70 2.34 23.35 5.91
CA VAL A 70 0.95 23.40 5.50
C VAL A 70 0.07 22.78 6.59
N ASP A 71 -1.23 22.86 6.39
CA ASP A 71 -2.17 22.29 7.33
C ASP A 71 -2.29 20.79 7.09
N PRO A 72 -2.38 19.99 8.16
CA PRO A 72 -2.49 18.53 8.15
C PRO A 72 -3.60 18.02 7.22
N ASN A 73 -4.66 18.82 7.08
CA ASN A 73 -5.79 18.46 6.24
C ASN A 73 -5.44 18.34 4.75
N THR A 74 -4.30 18.89 4.35
CA THR A 74 -3.88 18.83 2.94
C THR A 74 -2.98 17.61 2.66
N ILE A 75 -2.66 16.85 3.71
CA ILE A 75 -1.77 15.71 3.60
C ILE A 75 -2.43 14.33 3.59
N THR A 76 -2.09 13.52 2.60
CA THR A 76 -2.59 12.13 2.48
C THR A 76 -1.36 11.22 2.65
N ILE A 77 -1.48 10.17 3.45
CA ILE A 77 -0.38 9.22 3.65
C ILE A 77 -0.55 8.06 2.64
N THR A 78 0.50 7.73 1.90
CA THR A 78 0.45 6.66 0.91
C THR A 78 1.63 5.70 1.16
N ASP A 79 1.89 4.83 0.19
CA ASP A 79 2.99 3.87 0.32
C ASP A 79 4.21 4.29 -0.50
N ASN A 80 4.03 5.21 -1.44
CA ASN A 80 5.14 5.59 -2.31
C ASN A 80 4.74 6.82 -3.14
N VAL A 81 5.66 7.29 -3.98
CA VAL A 81 5.38 8.45 -4.84
C VAL A 81 4.26 8.17 -5.86
N THR A 82 4.35 7.02 -6.52
CA THR A 82 3.41 6.66 -7.56
C THR A 82 1.94 6.69 -7.17
N THR A 83 1.61 6.15 -6.00
CA THR A 83 0.22 6.14 -5.54
C THR A 83 -0.37 7.55 -5.46
N GLY A 84 0.44 8.52 -5.05
CA GLY A 84 -0.05 9.89 -4.99
C GLY A 84 -0.48 10.35 -6.38
N CYS A 85 0.31 9.97 -7.39
CA CYS A 85 -0.01 10.32 -8.77
C CYS A 85 -1.29 9.61 -9.22
N ASP A 86 -1.47 8.34 -8.84
CA ASP A 86 -2.68 7.61 -9.21
C ASP A 86 -3.94 8.27 -8.62
N ILE A 87 -3.84 8.72 -7.37
CA ILE A 87 -4.97 9.37 -6.70
C ILE A 87 -5.43 10.61 -7.46
N VAL A 88 -4.48 11.49 -7.80
CA VAL A 88 -4.80 12.72 -8.54
C VAL A 88 -5.28 12.44 -9.96
N LEU A 89 -4.55 11.58 -10.68
CA LEU A 89 -4.93 11.30 -12.06
C LEU A 89 -6.27 10.58 -12.23
N TRP A 90 -6.56 9.58 -11.40
CA TRP A 90 -7.85 8.87 -11.53
C TRP A 90 -9.01 9.67 -10.92
N GLY A 91 -8.70 10.63 -10.07
CA GLY A 91 -9.72 11.43 -9.40
C GLY A 91 -10.32 12.59 -10.20
N LEU A 92 -9.58 13.10 -11.17
CA LEU A 92 -10.05 14.21 -12.00
C LEU A 92 -11.20 13.83 -12.94
N ASP A 93 -12.16 14.73 -13.10
CA ASP A 93 -13.33 14.50 -13.96
C ASP A 93 -13.04 14.72 -15.46
N TRP A 94 -12.27 13.80 -16.05
CA TRP A 94 -11.86 13.84 -17.46
C TRP A 94 -12.97 13.72 -18.51
N HIS A 95 -12.87 14.52 -19.57
CA HIS A 95 -13.83 14.47 -20.68
C HIS A 95 -13.04 14.18 -21.97
N GLN A 96 -13.64 13.40 -22.88
CA GLN A 96 -12.98 13.06 -24.13
C GLN A 96 -12.39 14.30 -24.78
N GLY A 97 -11.15 14.21 -25.25
CA GLY A 97 -10.54 15.38 -25.87
C GLY A 97 -9.66 16.21 -24.96
N ASP A 98 -9.77 16.02 -23.64
CA ASP A 98 -8.94 16.77 -22.69
C ASP A 98 -7.49 16.39 -22.94
N GLU A 99 -6.57 17.31 -22.70
CA GLU A 99 -5.16 17.04 -22.92
C GLU A 99 -4.26 17.14 -21.69
N ILE A 100 -3.27 16.24 -21.65
CA ILE A 100 -2.28 16.23 -20.57
C ILE A 100 -0.90 16.43 -21.18
N LEU A 101 -0.10 17.32 -20.60
CA LEU A 101 1.26 17.55 -21.09
C LEU A 101 2.26 17.08 -20.02
N LEU A 102 3.23 16.25 -20.41
CA LEU A 102 4.27 15.77 -19.47
C LEU A 102 5.63 16.10 -20.04
N THR A 103 6.65 16.25 -19.19
CA THR A 103 7.98 16.53 -19.71
C THR A 103 8.51 15.25 -20.29
N ASP A 104 9.62 15.35 -21.01
CA ASP A 104 10.24 14.16 -21.59
C ASP A 104 11.19 13.49 -20.59
N CYS A 105 11.10 13.86 -19.32
CA CYS A 105 11.96 13.28 -18.27
C CYS A 105 11.15 12.65 -17.14
N GLU A 106 9.91 12.31 -17.41
CA GLU A 106 9.08 11.71 -16.38
C GLU A 106 9.31 10.20 -16.27
N HIS A 107 8.96 9.66 -15.11
CA HIS A 107 9.15 8.25 -14.80
C HIS A 107 8.22 7.34 -15.61
N PRO A 108 8.74 6.20 -16.09
CA PRO A 108 7.97 5.23 -16.89
C PRO A 108 6.64 4.87 -16.20
N GLY A 109 6.69 4.66 -14.89
CA GLY A 109 5.49 4.31 -14.14
C GLY A 109 4.39 5.36 -14.24
N ILE A 110 4.79 6.64 -14.22
CA ILE A 110 3.85 7.76 -14.31
C ILE A 110 3.23 7.80 -15.72
N ILE A 111 4.07 7.65 -16.74
CA ILE A 111 3.59 7.61 -18.11
C ILE A 111 2.51 6.48 -18.23
N ALA A 112 2.73 5.35 -17.55
CA ALA A 112 1.76 4.23 -17.62
C ALA A 112 0.37 4.61 -17.12
N ILE A 113 0.30 5.39 -16.04
CA ILE A 113 -0.99 5.81 -15.51
C ILE A 113 -1.68 6.67 -16.59
N VAL A 114 -0.94 7.63 -17.14
CA VAL A 114 -1.46 8.52 -18.18
C VAL A 114 -2.01 7.75 -19.37
N GLN A 115 -1.32 6.69 -19.78
CA GLN A 115 -1.77 5.90 -20.92
C GLN A 115 -3.05 5.17 -20.53
N ALA A 116 -3.10 4.72 -19.28
CA ALA A 116 -4.28 4.03 -18.78
C ALA A 116 -5.46 5.01 -18.75
N ILE A 117 -5.19 6.26 -18.36
CA ILE A 117 -6.22 7.29 -18.31
C ILE A 117 -6.71 7.64 -19.71
N ALA A 118 -5.77 7.70 -20.67
CA ALA A 118 -6.12 8.04 -22.03
C ALA A 118 -7.07 6.99 -22.59
N ALA A 119 -6.76 5.73 -22.31
CA ALA A 119 -7.59 4.64 -22.82
C ALA A 119 -8.98 4.63 -22.19
N ARG A 120 -9.04 4.95 -20.90
CA ARG A 120 -10.30 4.93 -20.18
C ARG A 120 -11.25 6.11 -20.44
N PHE A 121 -10.72 7.32 -20.44
CA PHE A 121 -11.55 8.51 -20.64
C PHE A 121 -11.45 9.16 -22.01
N GLY A 122 -10.59 8.64 -22.87
CA GLY A 122 -10.45 9.23 -24.18
C GLY A 122 -9.73 10.58 -24.18
N ILE A 123 -8.83 10.80 -23.23
CA ILE A 123 -8.07 12.06 -23.23
C ILE A 123 -6.83 11.84 -24.09
N THR A 124 -6.08 12.91 -24.38
CA THR A 124 -4.85 12.77 -25.18
C THR A 124 -3.65 13.29 -24.37
N TYR A 125 -2.43 12.90 -24.74
CA TYR A 125 -1.25 13.37 -24.03
C TYR A 125 -0.09 13.61 -24.99
N ARG A 126 0.75 14.60 -24.67
CA ARG A 126 1.91 14.98 -25.48
C ARG A 126 3.08 15.31 -24.54
N PHE A 127 4.29 15.11 -25.03
CA PHE A 127 5.47 15.45 -24.24
C PHE A 127 6.03 16.80 -24.69
N PHE A 128 6.78 17.46 -23.82
CA PHE A 128 7.47 18.71 -24.17
C PHE A 128 8.88 18.54 -23.64
N PRO A 129 9.89 18.90 -24.45
CA PRO A 129 11.31 18.81 -24.14
C PRO A 129 11.95 19.66 -23.02
N VAL A 130 12.37 19.02 -21.93
CA VAL A 130 13.04 19.76 -20.86
C VAL A 130 14.46 19.22 -20.63
N ALA A 131 14.71 17.97 -20.99
CA ALA A 131 16.04 17.41 -20.79
C ALA A 131 17.12 18.34 -21.33
N ALA A 132 16.88 18.87 -22.53
CA ALA A 132 17.83 19.75 -23.19
C ALA A 132 17.97 21.13 -22.53
N THR A 133 17.18 21.41 -21.50
CA THR A 133 17.31 22.70 -20.84
C THR A 133 18.19 22.65 -19.58
N LEU A 134 18.97 21.60 -19.43
CA LEU A 134 19.83 21.52 -18.25
C LEU A 134 20.89 22.65 -18.21
N ASN A 135 21.51 22.92 -19.35
CA ASN A 135 22.56 23.93 -19.43
C ASN A 135 22.19 25.23 -20.19
N GLN A 136 21.02 25.25 -20.85
CA GLN A 136 20.57 26.42 -21.61
C GLN A 136 19.06 26.35 -21.83
N GLY A 137 18.50 27.45 -22.35
CA GLY A 137 17.08 27.46 -22.62
C GLY A 137 16.24 27.70 -21.38
N ASP A 138 14.93 27.60 -21.56
CA ASP A 138 13.98 27.87 -20.48
C ASP A 138 12.83 26.86 -20.54
N ALA A 139 12.76 25.96 -19.55
CA ALA A 139 11.71 24.94 -19.52
C ALA A 139 10.31 25.57 -19.51
N ALA A 140 10.14 26.67 -18.79
CA ALA A 140 8.85 27.36 -18.74
C ALA A 140 8.42 27.88 -20.12
N ALA A 141 9.38 28.37 -20.89
CA ALA A 141 9.09 28.90 -22.23
C ALA A 141 8.73 27.73 -23.15
N VAL A 142 9.42 26.60 -22.98
CA VAL A 142 9.11 25.42 -23.79
C VAL A 142 7.65 25.05 -23.53
N LEU A 143 7.25 25.03 -22.26
CA LEU A 143 5.87 24.71 -21.91
C LEU A 143 4.89 25.70 -22.58
N ALA A 144 5.16 26.99 -22.44
CA ALA A 144 4.32 28.01 -23.03
C ALA A 144 4.10 27.76 -24.53
N ASN A 145 5.12 27.27 -25.23
CA ASN A 145 4.99 26.98 -26.66
C ASN A 145 4.25 25.67 -26.95
N HIS A 146 3.83 24.95 -25.91
CA HIS A 146 3.09 23.69 -26.11
C HIS A 146 1.65 23.74 -25.57
N LEU A 147 1.36 24.73 -24.73
CA LEU A 147 0.01 24.84 -24.15
C LEU A 147 -1.02 25.06 -25.25
N GLY A 148 -2.15 24.37 -25.13
CA GLY A 148 -3.23 24.48 -26.10
C GLY A 148 -4.57 24.77 -25.44
N PRO A 149 -5.64 24.89 -26.23
CA PRO A 149 -6.99 25.17 -25.71
C PRO A 149 -7.60 24.07 -24.85
N LYS A 150 -7.21 22.83 -25.12
CA LYS A 150 -7.71 21.69 -24.38
C LYS A 150 -6.76 21.21 -23.27
N THR A 151 -5.65 21.90 -23.07
CA THR A 151 -4.72 21.48 -22.03
C THR A 151 -5.40 21.65 -20.68
N ARG A 152 -5.44 20.58 -19.89
CA ARG A 152 -6.08 20.60 -18.57
C ARG A 152 -5.10 20.36 -17.43
N LEU A 153 -4.09 19.53 -17.66
CA LEU A 153 -3.11 19.24 -16.61
C LEU A 153 -1.70 19.10 -17.17
N VAL A 154 -0.72 19.53 -16.38
CA VAL A 154 0.69 19.40 -16.76
C VAL A 154 1.35 18.53 -15.68
N ILE A 155 2.18 17.58 -16.07
CA ILE A 155 2.85 16.70 -15.09
C ILE A 155 4.36 16.89 -15.21
N LEU A 156 5.03 17.20 -14.10
CA LEU A 156 6.49 17.40 -14.12
C LEU A 156 7.17 16.99 -12.83
N SER A 157 8.43 16.59 -12.95
CA SER A 157 9.24 16.23 -11.77
C SER A 157 9.99 17.51 -11.37
N HIS A 158 9.87 17.91 -10.10
CA HIS A 158 10.54 19.13 -9.62
C HIS A 158 12.06 19.01 -9.81
N LEU A 159 12.62 17.87 -9.40
CA LEU A 159 14.05 17.60 -9.58
C LEU A 159 14.08 16.38 -10.48
N LEU A 160 14.67 16.52 -11.67
CA LEU A 160 14.70 15.41 -12.64
C LEU A 160 15.59 14.27 -12.21
N TRP A 161 15.02 13.06 -12.22
CA TRP A 161 15.70 11.84 -11.79
C TRP A 161 16.81 11.39 -12.72
N ASN A 162 16.76 11.82 -13.99
CA ASN A 162 17.76 11.40 -14.94
C ASN A 162 18.95 12.37 -15.16
N THR A 163 18.68 13.67 -15.23
CA THR A 163 19.76 14.62 -15.46
C THR A 163 20.20 15.43 -14.23
N GLY A 164 19.35 15.49 -13.21
CA GLY A 164 19.69 16.25 -12.02
C GLY A 164 19.28 17.71 -12.06
N GLN A 165 18.55 18.13 -13.09
CA GLN A 165 18.08 19.51 -13.20
C GLN A 165 16.92 19.79 -12.23
N VAL A 166 16.91 20.99 -11.66
CA VAL A 166 15.82 21.44 -10.80
C VAL A 166 14.98 22.35 -11.71
N LEU A 167 13.75 21.95 -12.04
CA LEU A 167 12.92 22.79 -12.90
C LEU A 167 12.45 24.07 -12.20
N PRO A 168 12.28 25.17 -12.96
CA PRO A 168 11.85 26.45 -12.39
C PRO A 168 10.35 26.39 -12.14
N LEU A 169 9.97 25.70 -11.06
CA LEU A 169 8.56 25.49 -10.71
C LEU A 169 7.70 26.74 -10.58
N ALA A 170 8.22 27.76 -9.91
CA ALA A 170 7.45 29.00 -9.75
C ALA A 170 7.11 29.63 -11.11
N GLU A 171 8.10 29.72 -11.99
CA GLU A 171 7.86 30.29 -13.32
C GLU A 171 6.89 29.42 -14.10
N ILE A 172 7.00 28.10 -13.96
CA ILE A 172 6.13 27.20 -14.66
C ILE A 172 4.68 27.36 -14.20
N MET A 173 4.50 27.52 -12.89
CA MET A 173 3.14 27.70 -12.36
C MET A 173 2.53 28.98 -12.93
N ALA A 174 3.31 30.06 -12.97
CA ALA A 174 2.83 31.35 -13.49
C ALA A 174 2.40 31.21 -14.94
N VAL A 175 3.20 30.51 -15.73
CA VAL A 175 2.86 30.30 -17.12
C VAL A 175 1.51 29.58 -17.22
N CYS A 176 1.34 28.53 -16.43
CA CYS A 176 0.09 27.79 -16.44
C CYS A 176 -1.12 28.64 -16.02
N ARG A 177 -1.00 29.41 -14.94
CA ARG A 177 -2.13 30.22 -14.51
C ARG A 177 -2.44 31.38 -15.46
N ARG A 178 -1.43 31.80 -16.22
CA ARG A 178 -1.59 32.90 -17.16
C ARG A 178 -2.36 32.47 -18.40
N HIS A 179 -2.27 31.18 -18.72
CA HIS A 179 -2.92 30.60 -19.89
C HIS A 179 -4.44 30.69 -19.88
N GLN A 180 -4.98 31.02 -21.04
CA GLN A 180 -6.43 31.16 -21.24
C GLN A 180 -6.90 30.08 -22.22
N GLY A 181 -7.61 29.09 -21.68
CA GLY A 181 -8.10 28.00 -22.52
C GLY A 181 -9.42 27.51 -21.96
N ASN A 182 -9.83 26.32 -22.37
CA ASN A 182 -11.09 25.75 -21.90
C ASN A 182 -11.03 25.34 -20.43
N TYR A 183 -9.82 25.29 -19.88
CA TYR A 183 -9.67 24.90 -18.48
C TYR A 183 -8.57 25.68 -17.78
N PRO A 184 -8.72 25.88 -16.47
CA PRO A 184 -7.66 26.60 -15.76
C PRO A 184 -6.61 25.48 -15.65
N VAL A 185 -5.41 25.72 -16.16
CA VAL A 185 -4.37 24.68 -16.14
C VAL A 185 -3.80 24.38 -14.75
N ARG A 186 -3.84 23.10 -14.36
CA ARG A 186 -3.29 22.65 -13.06
C ARG A 186 -1.99 21.87 -13.27
N VAL A 187 -1.16 21.80 -12.23
CA VAL A 187 0.12 21.09 -12.32
C VAL A 187 0.34 20.03 -11.22
N LEU A 188 0.55 18.79 -11.65
CA LEU A 188 0.84 17.67 -10.72
C LEU A 188 2.36 17.51 -10.68
N VAL A 189 2.93 17.68 -9.50
CA VAL A 189 4.39 17.57 -9.35
C VAL A 189 4.85 16.23 -8.75
N ASP A 190 5.80 15.57 -9.42
CA ASP A 190 6.38 14.33 -8.92
C ASP A 190 7.61 14.79 -8.09
N GLY A 191 7.53 14.67 -6.76
CA GLY A 191 8.66 15.10 -5.94
C GLY A 191 9.53 13.97 -5.41
N ALA A 192 9.68 12.89 -6.18
CA ALA A 192 10.47 11.74 -5.72
C ALA A 192 11.89 12.11 -5.32
N GLN A 193 12.49 13.06 -6.03
CA GLN A 193 13.85 13.48 -5.74
C GLN A 193 13.93 14.77 -4.93
N SER A 194 13.01 15.69 -5.16
CA SER A 194 13.03 16.97 -4.47
C SER A 194 12.70 16.93 -2.97
N ALA A 195 11.64 16.21 -2.60
CA ALA A 195 11.25 16.16 -1.18
C ALA A 195 12.35 15.54 -0.33
N GLY A 196 12.78 16.26 0.70
CA GLY A 196 13.83 15.75 1.56
C GLY A 196 15.22 16.19 1.16
N SER A 197 15.36 16.84 0.01
CA SER A 197 16.66 17.35 -0.41
C SER A 197 16.52 18.85 -0.61
N LEU A 198 15.50 19.28 -1.37
CA LEU A 198 15.29 20.71 -1.56
C LEU A 198 14.41 21.26 -0.44
N PRO A 199 14.62 22.55 -0.07
CA PRO A 199 13.80 23.15 1.00
C PRO A 199 12.43 23.41 0.39
N LEU A 200 11.38 22.81 0.93
CA LEU A 200 10.05 23.01 0.35
C LEU A 200 9.04 23.63 1.32
N ASP A 201 8.48 24.76 0.93
CA ASP A 201 7.48 25.49 1.72
C ASP A 201 6.29 25.81 0.82
N PHE A 202 5.22 25.01 0.92
CA PHE A 202 4.05 25.20 0.08
C PHE A 202 3.15 26.36 0.47
N SER A 203 3.60 27.15 1.44
CA SER A 203 2.83 28.34 1.85
C SER A 203 3.47 29.53 1.17
N ARG A 204 4.70 29.32 0.71
CA ARG A 204 5.45 30.37 0.02
C ARG A 204 5.45 30.00 -1.45
N LEU A 205 5.51 28.71 -1.71
CA LEU A 205 5.50 28.17 -3.06
C LEU A 205 4.10 27.66 -3.32
N GLU A 206 3.43 28.22 -4.32
CA GLU A 206 2.07 27.79 -4.62
C GLU A 206 2.10 26.61 -5.55
N VAL A 207 1.53 25.48 -5.11
CA VAL A 207 1.47 24.28 -5.93
C VAL A 207 0.08 23.70 -5.82
N ASP A 208 -0.35 22.94 -6.83
CA ASP A 208 -1.67 22.32 -6.84
C ASP A 208 -1.63 20.94 -6.17
N TYR A 209 -0.86 20.02 -6.75
CA TYR A 209 -0.71 18.65 -6.23
C TYR A 209 0.78 18.31 -6.16
N TYR A 210 1.24 17.73 -5.06
CA TYR A 210 2.67 17.39 -4.95
C TYR A 210 2.79 15.98 -4.33
N ALA A 211 3.26 15.02 -5.12
CA ALA A 211 3.40 13.61 -4.67
C ALA A 211 4.83 13.33 -4.20
N PHE A 212 5.00 12.57 -3.13
CA PHE A 212 6.35 12.28 -2.62
C PHE A 212 6.42 10.94 -1.88
N THR A 213 7.63 10.52 -1.55
CA THR A 213 7.82 9.28 -0.80
C THR A 213 8.73 9.54 0.39
N GLY A 214 8.71 8.63 1.37
CA GLY A 214 9.57 8.83 2.52
C GLY A 214 10.83 7.99 2.50
N HIS A 215 10.93 7.06 1.55
CA HIS A 215 12.07 6.15 1.55
C HIS A 215 13.34 6.56 0.82
N ALA A 216 13.33 7.69 0.14
CA ALA A 216 14.54 8.09 -0.56
C ALA A 216 15.28 9.12 0.28
N TRP A 217 15.21 10.40 -0.11
CA TRP A 217 15.95 11.43 0.62
C TRP A 217 15.57 11.60 2.11
N PHE A 218 14.32 11.31 2.48
CA PHE A 218 13.90 11.40 3.88
C PHE A 218 14.48 10.25 4.71
N ALA A 219 15.02 9.24 4.04
CA ALA A 219 15.62 8.09 4.72
C ALA A 219 14.71 7.24 5.60
N GLY A 220 13.44 7.16 5.22
CA GLY A 220 12.50 6.32 5.96
C GLY A 220 12.54 4.92 5.34
N PRO A 221 11.75 3.98 5.86
CA PRO A 221 11.75 2.61 5.31
C PRO A 221 10.92 2.54 4.04
N ALA A 222 11.20 1.53 3.20
CA ALA A 222 10.41 1.33 1.99
C ALA A 222 8.96 1.04 2.41
N GLY A 223 8.01 1.64 1.70
CA GLY A 223 6.62 1.40 2.02
C GLY A 223 5.78 2.55 2.56
N VAL A 224 6.37 3.74 2.76
CA VAL A 224 5.59 4.85 3.26
C VAL A 224 5.89 6.12 2.46
N GLY A 225 4.84 6.77 1.96
CA GLY A 225 4.98 7.99 1.19
C GLY A 225 3.82 8.93 1.47
N GLY A 226 3.65 9.98 0.67
CA GLY A 226 2.55 10.89 0.92
C GLY A 226 2.17 11.79 -0.24
N LEU A 227 1.08 12.53 -0.07
CA LEU A 227 0.60 13.42 -1.11
C LEU A 227 -0.01 14.73 -0.60
N TYR A 228 0.39 15.84 -1.19
CA TYR A 228 -0.17 17.14 -0.81
C TYR A 228 -1.12 17.62 -1.90
N ILE A 229 -2.29 18.11 -1.48
CA ILE A 229 -3.29 18.66 -2.38
C ILE A 229 -3.72 19.99 -1.77
N HIS A 230 -3.67 21.07 -2.56
CA HIS A 230 -4.07 22.39 -2.07
C HIS A 230 -5.55 22.37 -1.73
N GLY A 231 -5.92 23.05 -0.65
CA GLY A 231 -7.32 23.09 -0.26
C GLY A 231 -8.29 23.52 -1.35
N ASP A 232 -7.84 24.34 -2.30
CA ASP A 232 -8.72 24.80 -3.37
C ASP A 232 -8.89 23.77 -4.47
N CYS A 233 -8.06 22.73 -4.44
CA CYS A 233 -8.11 21.66 -5.44
C CYS A 233 -8.75 20.37 -4.93
N LEU A 234 -8.92 20.26 -3.62
CA LEU A 234 -9.49 19.04 -3.03
C LEU A 234 -10.81 18.62 -3.65
N GLY A 235 -11.71 19.58 -3.90
CA GLY A 235 -13.01 19.26 -4.47
C GLY A 235 -13.01 18.68 -5.88
N GLU A 236 -11.94 18.95 -6.62
CA GLU A 236 -11.81 18.47 -8.00
C GLU A 236 -11.33 17.02 -8.07
N ILE A 237 -10.85 16.50 -6.94
CA ILE A 237 -10.34 15.14 -6.90
C ILE A 237 -11.32 14.16 -6.25
N ASN A 238 -11.98 13.35 -7.08
CA ASN A 238 -12.93 12.37 -6.56
C ASN A 238 -12.20 11.14 -6.02
N PRO A 239 -12.56 10.65 -4.83
CA PRO A 239 -11.86 9.46 -4.32
C PRO A 239 -12.08 8.32 -5.31
N THR A 240 -11.09 7.44 -5.45
CA THR A 240 -11.17 6.28 -6.36
C THR A 240 -10.96 5.02 -5.51
N TYR A 241 -9.71 4.65 -5.21
CA TYR A 241 -9.49 3.48 -4.36
C TYR A 241 -9.82 3.92 -2.96
N VAL A 242 -10.86 3.34 -2.38
CA VAL A 242 -11.30 3.69 -1.02
C VAL A 242 -11.52 2.44 -0.16
N GLY A 243 -11.77 2.66 1.12
CA GLY A 243 -12.00 1.57 2.05
C GLY A 243 -12.47 2.11 3.38
N TRP A 244 -12.34 1.32 4.44
CA TRP A 244 -12.80 1.76 5.77
C TRP A 244 -12.11 3.02 6.31
N ARG A 245 -10.89 3.30 5.88
CA ARG A 245 -10.19 4.50 6.32
C ARG A 245 -10.63 5.78 5.58
N SER A 246 -11.41 5.64 4.50
CA SER A 246 -11.84 6.79 3.68
C SER A 246 -13.14 7.50 4.06
N ILE A 247 -13.95 6.87 4.92
CA ILE A 247 -15.27 7.37 5.25
C ILE A 247 -15.60 7.76 6.68
N THR A 248 -16.78 8.36 6.84
CA THR A 248 -17.30 8.71 8.17
C THR A 248 -18.38 7.66 8.35
N TYR A 249 -18.72 7.35 9.60
CA TYR A 249 -19.70 6.31 9.87
C TYR A 249 -21.01 6.75 10.52
N GLY A 250 -22.07 6.02 10.24
CA GLY A 250 -23.38 6.34 10.79
C GLY A 250 -23.71 5.49 12.00
N ALA A 251 -24.93 5.69 12.51
CA ALA A 251 -25.45 5.00 13.68
C ALA A 251 -25.25 3.49 13.69
N LYS A 252 -25.56 2.83 12.58
CA LYS A 252 -25.41 1.38 12.50
C LYS A 252 -24.09 0.96 11.81
N GLY A 253 -23.11 1.87 11.82
CA GLY A 253 -21.82 1.59 11.22
C GLY A 253 -21.78 1.66 9.70
N GLU A 254 -22.79 2.30 9.10
CA GLU A 254 -22.86 2.44 7.65
C GLU A 254 -22.16 3.71 7.16
N PRO A 255 -21.66 3.70 5.91
CA PRO A 255 -20.96 4.86 5.35
C PRO A 255 -21.88 6.07 5.27
N THR A 256 -21.42 7.23 5.74
CA THR A 256 -22.26 8.43 5.68
C THR A 256 -21.60 9.55 4.87
N GLY A 257 -20.33 9.41 4.55
CA GLY A 257 -19.63 10.43 3.78
C GLY A 257 -18.14 10.22 3.73
N TRP A 258 -17.41 11.20 3.19
CA TRP A 258 -15.96 11.11 3.11
C TRP A 258 -15.27 11.63 4.37
N ALA A 259 -14.19 10.97 4.76
CA ALA A 259 -13.42 11.39 5.93
C ALA A 259 -12.87 12.78 5.65
N GLU A 260 -12.42 13.46 6.70
CA GLU A 260 -11.88 14.81 6.64
C GLU A 260 -10.59 14.95 5.84
N GLY A 261 -10.51 16.00 5.02
CA GLY A 261 -9.32 16.25 4.23
C GLY A 261 -8.73 15.10 3.43
N GLY A 262 -7.42 14.94 3.54
CA GLY A 262 -6.72 13.90 2.80
C GLY A 262 -7.02 12.46 3.18
N LYS A 263 -7.70 12.26 4.31
CA LYS A 263 -8.03 10.92 4.78
C LYS A 263 -8.92 10.19 3.80
N ARG A 264 -9.69 10.93 2.99
CA ARG A 264 -10.60 10.32 2.02
C ARG A 264 -9.90 9.50 0.96
N PHE A 265 -8.59 9.70 0.80
CA PHE A 265 -7.84 8.94 -0.21
C PHE A 265 -7.00 7.82 0.43
N GLU A 266 -7.21 7.58 1.73
CA GLU A 266 -6.51 6.50 2.44
C GLU A 266 -7.45 5.29 2.41
N VAL A 267 -6.89 4.11 2.22
CA VAL A 267 -7.71 2.92 2.01
C VAL A 267 -8.03 2.00 3.18
N ALA A 268 -7.04 1.28 3.67
CA ALA A 268 -7.30 0.30 4.73
C ALA A 268 -6.03 -0.08 5.50
N THR A 269 -5.95 -1.32 5.99
CA THR A 269 -4.79 -1.73 6.78
C THR A 269 -3.46 -1.52 6.07
N SER A 270 -2.53 -0.88 6.79
CA SER A 270 -1.18 -0.58 6.28
C SER A 270 -0.09 -1.06 7.24
N ALA A 271 1.16 -0.89 6.84
CA ALA A 271 2.28 -1.31 7.67
C ALA A 271 2.59 -0.25 8.74
N TYR A 272 1.78 -0.20 9.78
CA TYR A 272 1.92 0.79 10.85
C TYR A 272 3.32 0.93 11.47
N PRO A 273 4.02 -0.18 11.74
CA PRO A 273 5.35 -0.02 12.33
C PRO A 273 6.26 0.83 11.44
N GLN A 274 6.09 0.72 10.13
CA GLN A 274 6.90 1.51 9.21
C GLN A 274 6.57 3.00 9.27
N TYR A 275 5.33 3.31 9.64
CA TYR A 275 4.92 4.71 9.78
C TYR A 275 5.77 5.34 10.90
N ALA A 276 5.99 4.59 11.98
CA ALA A 276 6.78 5.05 13.12
C ALA A 276 8.23 5.23 12.69
N GLY A 277 8.66 4.38 11.76
CA GLY A 277 10.03 4.46 11.26
C GLY A 277 10.22 5.77 10.53
N LEU A 278 9.30 6.10 9.62
CA LEU A 278 9.39 7.36 8.86
C LEU A 278 9.33 8.55 9.82
N LEU A 279 8.40 8.51 10.78
CA LEU A 279 8.29 9.62 11.74
C LEU A 279 9.63 9.85 12.43
N ALA A 280 10.28 8.78 12.87
CA ALA A 280 11.57 8.91 13.55
C ALA A 280 12.67 9.48 12.65
N ALA A 281 12.65 9.12 11.37
CA ALA A 281 13.63 9.63 10.43
C ALA A 281 13.40 11.11 10.21
N LEU A 282 12.14 11.51 10.07
CA LEU A 282 11.80 12.92 9.87
C LEU A 282 12.32 13.78 11.02
N GLN A 283 12.09 13.34 12.25
CA GLN A 283 12.56 14.08 13.41
C GLN A 283 14.07 14.14 13.47
N LEU A 284 14.74 13.08 13.00
CA LEU A 284 16.20 13.06 13.03
C LEU A 284 16.81 14.15 12.13
N HIS A 285 16.26 14.31 10.94
CA HIS A 285 16.79 15.32 10.02
C HIS A 285 16.66 16.72 10.60
N GLN A 286 15.58 16.99 11.31
CA GLN A 286 15.37 18.31 11.92
C GLN A 286 16.40 18.58 13.02
N ARG A 287 16.89 17.53 13.67
CA ARG A 287 17.90 17.70 14.72
C ARG A 287 19.29 17.97 14.12
N GLN A 288 19.44 17.71 12.83
CA GLN A 288 20.73 17.93 12.17
C GLN A 288 20.89 19.37 11.70
N GLY A 289 19.77 20.07 11.58
CA GLY A 289 19.78 21.45 11.13
C GLY A 289 18.52 21.70 10.31
N THR A 290 18.36 22.93 9.82
CA THR A 290 17.18 23.26 9.01
C THR A 290 17.28 22.70 7.59
N ALA A 291 16.15 22.71 6.88
CA ALA A 291 16.13 22.20 5.52
C ALA A 291 17.12 22.98 4.68
N GLU A 292 17.18 24.29 4.89
CA GLU A 292 18.10 25.15 4.16
C GLU A 292 19.55 24.77 4.41
N GLU A 293 19.90 24.53 5.68
CA GLU A 293 21.28 24.18 6.01
C GLU A 293 21.65 22.81 5.40
N ARG A 294 20.72 21.88 5.46
CA ARG A 294 20.95 20.56 4.89
C ARG A 294 21.08 20.66 3.38
N TYR A 295 20.26 21.51 2.77
CA TYR A 295 20.34 21.70 1.33
C TYR A 295 21.71 22.22 0.91
N GLN A 296 22.22 23.25 1.62
CA GLN A 296 23.53 23.78 1.28
C GLN A 296 24.62 22.75 1.49
N ALA A 297 24.48 21.92 2.52
CA ALA A 297 25.48 20.88 2.76
C ALA A 297 25.45 19.88 1.59
N ILE A 298 24.26 19.57 1.10
CA ILE A 298 24.12 18.63 -0.02
C ILE A 298 24.82 19.21 -1.25
N CYS A 299 24.57 20.49 -1.51
CA CYS A 299 25.19 21.15 -2.66
C CYS A 299 26.71 21.26 -2.55
N GLN A 300 27.22 21.44 -1.35
CA GLN A 300 28.67 21.51 -1.17
C GLN A 300 29.29 20.15 -1.54
N ARG A 301 28.61 19.07 -1.17
CA ARG A 301 29.11 17.74 -1.49
C ARG A 301 29.00 17.45 -3.00
N SER A 302 27.84 17.73 -3.59
CA SER A 302 27.71 17.46 -5.02
C SER A 302 28.67 18.27 -5.88
N GLU A 303 28.92 19.53 -5.51
CA GLU A 303 29.86 20.34 -6.30
C GLU A 303 31.27 19.79 -6.18
N PHE A 304 31.64 19.35 -4.97
CA PHE A 304 32.96 18.78 -4.74
C PHE A 304 33.12 17.55 -5.62
N LEU A 305 32.06 16.74 -5.70
CA LEU A 305 32.11 15.54 -6.53
C LEU A 305 32.13 15.94 -8.00
N TRP A 306 31.30 16.92 -8.35
CA TRP A 306 31.20 17.41 -9.73
C TRP A 306 32.55 17.92 -10.19
N ARG A 307 33.23 18.71 -9.35
CA ARG A 307 34.55 19.24 -9.71
C ARG A 307 35.52 18.09 -9.93
N GLY A 308 35.51 17.14 -9.00
CA GLY A 308 36.39 15.99 -9.12
C GLY A 308 36.21 15.25 -10.43
N LEU A 309 34.95 15.06 -10.86
CA LEU A 309 34.67 14.37 -12.11
C LEU A 309 35.13 15.20 -13.32
N ASN A 310 35.03 16.53 -13.22
CA ASN A 310 35.48 17.39 -14.32
C ASN A 310 36.98 17.23 -14.59
N GLN A 311 37.73 16.83 -13.57
CA GLN A 311 39.18 16.65 -13.70
C GLN A 311 39.52 15.32 -14.38
N LEU A 312 38.63 14.33 -14.26
CA LEU A 312 38.89 13.03 -14.88
C LEU A 312 38.72 13.18 -16.39
N PRO A 313 39.76 12.86 -17.15
CA PRO A 313 39.74 12.97 -18.62
C PRO A 313 38.69 12.20 -19.39
N HIS A 314 38.37 10.98 -18.95
CA HIS A 314 37.39 10.16 -19.68
C HIS A 314 35.98 10.15 -19.11
N VAL A 315 35.71 11.08 -18.19
CA VAL A 315 34.39 11.23 -17.57
C VAL A 315 33.82 12.58 -18.02
N HIS A 316 32.54 12.61 -18.34
CA HIS A 316 31.91 13.86 -18.78
C HIS A 316 30.57 14.11 -18.08
N CYS A 317 30.56 15.10 -17.20
CA CYS A 317 29.34 15.43 -16.47
C CYS A 317 28.31 16.01 -17.42
N LEU A 318 27.03 15.71 -17.20
CA LEU A 318 25.99 16.25 -18.08
C LEU A 318 25.81 17.76 -17.83
N ALA A 319 26.02 18.19 -16.60
CA ALA A 319 25.85 19.59 -16.24
C ALA A 319 27.13 20.39 -16.43
N THR A 320 27.04 21.49 -17.16
CA THR A 320 28.22 22.32 -17.41
C THR A 320 28.40 23.36 -16.30
N SER A 321 27.42 23.43 -15.41
CA SER A 321 27.50 24.33 -14.24
C SER A 321 27.28 23.43 -13.03
N ALA A 322 27.59 23.95 -11.84
CA ALA A 322 27.45 23.18 -10.59
C ALA A 322 26.05 22.62 -10.40
N PRO A 323 25.94 21.35 -9.95
CA PRO A 323 24.62 20.77 -9.74
C PRO A 323 23.75 21.64 -8.83
N GLN A 324 22.46 21.71 -9.13
CA GLN A 324 21.53 22.50 -8.33
C GLN A 324 21.00 21.69 -7.15
N ALA A 325 21.41 20.44 -7.05
CA ALA A 325 20.96 19.59 -5.96
C ALA A 325 21.95 18.47 -5.69
N GLY A 326 21.48 17.36 -5.15
CA GLY A 326 22.39 16.28 -4.84
C GLY A 326 22.68 15.29 -5.94
N LEU A 327 21.99 15.39 -7.08
CA LEU A 327 22.19 14.46 -8.21
C LEU A 327 23.28 14.92 -9.19
N VAL A 328 24.20 14.01 -9.49
CA VAL A 328 25.29 14.29 -10.41
C VAL A 328 25.33 13.18 -11.42
N SER A 329 24.92 13.49 -12.66
CA SER A 329 24.91 12.51 -13.73
C SER A 329 26.11 12.73 -14.67
N PHE A 330 26.64 11.63 -15.21
CA PHE A 330 27.79 11.70 -16.08
C PHE A 330 27.98 10.46 -16.96
N THR A 331 28.72 10.59 -18.04
CA THR A 331 29.02 9.46 -18.92
C THR A 331 30.50 9.12 -18.77
N VAL A 332 30.87 7.93 -19.20
CA VAL A 332 32.26 7.51 -19.12
C VAL A 332 32.70 6.99 -20.47
N ASP A 333 33.82 7.52 -20.97
CA ASP A 333 34.33 7.09 -22.26
C ASP A 333 35.06 5.74 -22.10
N SER A 334 34.36 4.65 -22.39
CA SER A 334 34.93 3.34 -22.25
C SER A 334 34.21 2.33 -23.11
N PRO A 335 34.92 1.28 -23.54
CA PRO A 335 34.28 0.24 -24.37
C PRO A 335 33.34 -0.63 -23.53
N LEU A 336 33.48 -0.56 -22.20
CA LEU A 336 32.67 -1.39 -21.29
C LEU A 336 31.15 -1.14 -21.28
N GLY A 337 30.73 0.12 -21.31
CA GLY A 337 29.31 0.38 -21.24
C GLY A 337 28.96 0.72 -19.81
N HIS A 338 28.04 1.66 -19.62
CA HIS A 338 27.65 2.10 -18.29
C HIS A 338 27.10 1.05 -17.32
N ARG A 339 26.32 0.09 -17.80
CA ARG A 339 25.83 -0.93 -16.88
C ARG A 339 26.97 -1.81 -16.35
N ALA A 340 27.93 -2.18 -17.21
CA ALA A 340 29.05 -3.02 -16.74
C ALA A 340 29.87 -2.24 -15.73
N ILE A 341 30.01 -0.94 -15.95
CA ILE A 341 30.77 -0.07 -15.04
C ILE A 341 30.14 0.01 -13.66
N VAL A 342 28.82 0.20 -13.63
CA VAL A 342 28.09 0.27 -12.37
C VAL A 342 28.21 -1.06 -11.61
N GLN A 343 28.21 -2.19 -12.34
CA GLN A 343 28.33 -3.50 -11.70
C GLN A 343 29.73 -3.72 -11.10
N LYS A 344 30.75 -3.26 -11.83
CA LYS A 344 32.13 -3.37 -11.37
C LYS A 344 32.31 -2.51 -10.10
N LEU A 345 31.67 -1.36 -10.07
CA LEU A 345 31.76 -0.49 -8.91
C LEU A 345 31.07 -1.17 -7.72
N GLU A 346 29.91 -1.78 -7.96
CA GLU A 346 29.22 -2.47 -6.87
C GLU A 346 30.06 -3.62 -6.32
N GLU A 347 30.85 -4.25 -7.17
CA GLU A 347 31.73 -5.35 -6.77
C GLU A 347 32.74 -4.81 -5.75
N GLN A 348 32.96 -3.49 -5.78
CA GLN A 348 33.90 -2.83 -4.88
C GLN A 348 33.15 -2.14 -3.74
N ARG A 349 31.86 -2.45 -3.63
CA ARG A 349 31.00 -1.87 -2.62
C ARG A 349 30.85 -0.35 -2.75
N ILE A 350 30.81 0.11 -4.00
CA ILE A 350 30.59 1.52 -4.34
C ILE A 350 29.26 1.48 -5.11
N TYR A 351 28.24 2.15 -4.56
CA TYR A 351 26.89 2.11 -5.11
C TYR A 351 26.31 3.32 -5.85
N LEU A 352 26.19 3.19 -7.17
CA LEU A 352 25.60 4.21 -8.04
C LEU A 352 24.54 3.51 -8.90
N ARG A 353 23.94 4.22 -9.87
CA ARG A 353 22.96 3.56 -10.73
C ARG A 353 23.02 4.03 -12.17
N THR A 354 22.53 3.18 -13.06
CA THR A 354 22.49 3.47 -14.49
C THR A 354 21.16 4.17 -14.79
N ILE A 355 21.18 5.07 -15.76
CA ILE A 355 20.00 5.83 -16.20
C ILE A 355 19.77 5.44 -17.68
N ALA A 356 18.52 5.11 -18.04
CA ALA A 356 18.23 4.68 -19.42
C ALA A 356 18.21 5.79 -20.45
N ASP A 357 17.66 6.93 -20.05
CA ASP A 357 17.55 8.06 -20.97
C ASP A 357 17.71 9.40 -20.27
N PRO A 358 18.82 10.11 -20.54
CA PRO A 358 19.88 9.68 -21.44
C PRO A 358 20.70 8.54 -20.82
N ASP A 359 21.42 7.81 -21.67
CA ASP A 359 22.24 6.69 -21.24
C ASP A 359 23.43 7.25 -20.45
N CYS A 360 23.37 7.18 -19.11
CA CYS A 360 24.45 7.69 -18.29
C CYS A 360 24.47 7.04 -16.90
N ILE A 361 25.38 7.48 -16.04
CA ILE A 361 25.49 6.96 -14.67
C ILE A 361 25.14 8.09 -13.71
N ARG A 362 24.47 7.77 -12.60
CA ARG A 362 24.07 8.81 -11.64
C ARG A 362 24.53 8.54 -10.22
N ALA A 363 25.04 9.58 -9.57
CA ALA A 363 25.49 9.50 -8.19
C ALA A 363 24.69 10.51 -7.36
N CYS A 364 24.32 10.13 -6.13
CA CYS A 364 23.57 11.01 -5.24
C CYS A 364 24.40 11.30 -4.01
N CYS A 365 24.60 12.59 -3.70
CA CYS A 365 25.36 12.98 -2.50
C CYS A 365 24.38 13.54 -1.50
N HIS A 366 24.40 13.02 -0.27
CA HIS A 366 23.50 13.54 0.75
C HIS A 366 24.29 14.39 1.76
N TYR A 367 23.62 15.04 2.72
CA TYR A 367 24.37 15.88 3.66
C TYR A 367 25.29 15.07 4.57
N ILE A 368 25.06 13.77 4.64
CA ILE A 368 25.88 12.89 5.46
C ILE A 368 27.05 12.31 4.68
N THR A 369 27.05 12.51 3.36
CA THR A 369 28.15 12.01 2.54
C THR A 369 29.42 12.79 2.93
N ASP A 370 30.59 12.15 2.90
CA ASP A 370 31.82 12.85 3.25
C ASP A 370 32.85 12.85 2.12
N GLU A 371 33.92 13.63 2.29
CA GLU A 371 34.96 13.73 1.27
C GLU A 371 35.70 12.45 0.97
N GLU A 372 35.91 11.61 1.97
CA GLU A 372 36.63 10.35 1.75
C GLU A 372 35.86 9.46 0.78
N GLU A 373 34.54 9.37 0.97
CA GLU A 373 33.69 8.56 0.09
C GLU A 373 33.79 9.11 -1.35
N ILE A 374 33.67 10.42 -1.50
CA ILE A 374 33.76 10.99 -2.83
C ILE A 374 35.11 10.70 -3.46
N ASN A 375 36.19 10.88 -2.70
CA ASN A 375 37.52 10.62 -3.24
C ASN A 375 37.72 9.17 -3.61
N HIS A 376 37.13 8.27 -2.83
CA HIS A 376 37.25 6.83 -3.11
C HIS A 376 36.53 6.51 -4.43
N LEU A 377 35.41 7.17 -4.69
CA LEU A 377 34.67 6.97 -5.94
C LEU A 377 35.52 7.48 -7.12
N LEU A 378 36.04 8.69 -6.97
CA LEU A 378 36.86 9.28 -8.03
C LEU A 378 38.05 8.38 -8.33
N ALA A 379 38.65 7.82 -7.29
CA ALA A 379 39.81 6.94 -7.46
C ALA A 379 39.49 5.71 -8.32
N ARG A 380 38.35 5.08 -8.04
CA ARG A 380 37.99 3.89 -8.79
C ARG A 380 37.52 4.24 -10.22
N LEU A 381 36.92 5.41 -10.40
CA LEU A 381 36.46 5.80 -11.73
C LEU A 381 37.65 6.06 -12.64
N ALA A 382 38.74 6.53 -12.05
CA ALA A 382 39.94 6.82 -12.80
C ALA A 382 40.44 5.63 -13.60
N ASP A 383 40.01 4.43 -13.24
CA ASP A 383 40.46 3.21 -13.91
C ASP A 383 39.91 2.95 -15.30
N PHE A 384 38.83 3.63 -15.68
CA PHE A 384 38.23 3.40 -16.98
C PHE A 384 38.64 4.44 -18.03
N GLY A 385 38.64 4.04 -19.30
CA GLY A 385 39.03 4.95 -20.37
C GLY A 385 38.97 4.35 -21.78
N THR B 1 -1.81 -31.01 18.16
CA THR B 1 -1.00 -30.40 19.26
C THR B 1 -0.24 -29.19 18.73
N PRO B 2 -0.84 -27.99 18.83
CA PRO B 2 -0.19 -26.78 18.34
C PRO B 2 0.97 -26.31 19.21
N ASP B 3 2.00 -25.77 18.58
CA ASP B 3 3.17 -25.27 19.29
C ASP B 3 2.92 -23.81 19.62
N ARG B 4 2.20 -23.57 20.70
CA ARG B 4 1.85 -22.23 21.17
C ARG B 4 3.06 -21.32 21.42
N HIS B 5 4.20 -21.92 21.74
CA HIS B 5 5.41 -21.15 22.03
C HIS B 5 5.91 -20.31 20.84
N GLN B 6 5.48 -20.67 19.63
CA GLN B 6 5.85 -19.95 18.41
C GLN B 6 5.15 -18.59 18.35
N PHE B 7 4.09 -18.45 19.14
CA PHE B 7 3.28 -17.23 19.20
C PHE B 7 3.40 -16.66 20.60
N PRO B 8 4.51 -15.96 20.89
CA PRO B 8 4.76 -15.39 22.20
C PRO B 8 3.69 -14.45 22.76
N GLY B 9 2.95 -13.78 21.89
CA GLY B 9 1.91 -12.88 22.36
C GLY B 9 0.77 -13.53 23.12
N LEU B 10 0.62 -14.84 22.99
CA LEU B 10 -0.47 -15.55 23.69
C LEU B 10 -0.28 -15.56 25.20
N ALA B 11 0.98 -15.65 25.62
CA ALA B 11 1.38 -15.77 27.03
C ALA B 11 0.70 -15.02 28.16
N ASN B 12 0.75 -13.70 28.15
CA ASN B 12 0.17 -12.98 29.29
C ASN B 12 -1.14 -12.25 29.05
N LYS B 13 -2.00 -12.86 28.24
CA LYS B 13 -3.30 -12.27 27.91
C LYS B 13 -4.21 -13.41 27.45
N THR B 14 -5.47 -13.10 27.18
CA THR B 14 -6.42 -14.09 26.72
C THR B 14 -6.97 -13.49 25.42
N TYR B 15 -6.35 -13.87 24.31
CA TYR B 15 -6.69 -13.31 22.99
C TYR B 15 -7.72 -14.05 22.14
N PHE B 16 -8.74 -13.30 21.73
CA PHE B 16 -9.79 -13.81 20.86
C PHE B 16 -10.07 -12.85 19.67
N ASN B 17 -9.06 -12.12 19.22
CA ASN B 17 -9.26 -11.16 18.13
C ASN B 17 -8.50 -11.48 16.84
N PHE B 18 -8.26 -12.77 16.58
CA PHE B 18 -7.55 -13.19 15.37
C PHE B 18 -8.19 -12.65 14.07
N GLY B 19 -9.52 -12.47 14.10
CA GLY B 19 -10.22 -11.96 12.94
C GLY B 19 -9.88 -10.51 12.63
N GLY B 20 -9.44 -9.77 13.65
CA GLY B 20 -9.03 -8.38 13.48
C GLY B 20 -7.57 -8.38 13.02
N GLN B 21 -6.73 -9.07 13.78
CA GLN B 21 -5.32 -9.23 13.44
C GLN B 21 -4.76 -10.42 14.23
N GLY B 22 -4.00 -11.28 13.55
CA GLY B 22 -3.44 -12.44 14.21
C GLY B 22 -2.23 -12.13 15.07
N ILE B 23 -1.94 -13.00 16.04
CA ILE B 23 -0.76 -12.80 16.89
C ILE B 23 0.42 -13.18 15.99
N LEU B 24 1.43 -12.31 15.90
CA LEU B 24 2.60 -12.55 15.05
C LEU B 24 3.58 -13.61 15.59
N PRO B 25 3.90 -14.64 14.79
CA PRO B 25 4.83 -15.66 15.28
C PRO B 25 6.30 -15.20 15.27
N THR B 26 7.09 -15.76 16.19
CA THR B 26 8.50 -15.41 16.30
C THR B 26 9.22 -15.48 14.98
N VAL B 27 8.98 -16.55 14.22
CA VAL B 27 9.64 -16.69 12.92
C VAL B 27 9.33 -15.56 11.95
N ALA B 28 8.18 -14.91 12.14
CA ALA B 28 7.81 -13.82 11.25
C ALA B 28 8.61 -12.57 11.62
N LEU B 29 8.70 -12.27 12.92
CA LEU B 29 9.47 -11.10 13.34
C LEU B 29 10.95 -11.29 12.98
N GLU B 30 11.45 -12.52 13.11
CA GLU B 30 12.84 -12.78 12.77
C GLU B 30 13.11 -12.48 11.29
N ALA B 31 12.21 -12.96 10.42
CA ALA B 31 12.34 -12.74 8.97
C ALA B 31 12.29 -11.24 8.61
N ILE B 32 11.44 -10.49 9.29
CA ILE B 32 11.32 -9.05 9.03
C ILE B 32 12.64 -8.39 9.44
N THR B 33 13.07 -8.67 10.67
CA THR B 33 14.31 -8.09 11.18
C THR B 33 15.51 -8.46 10.30
N ALA B 34 15.56 -9.72 9.85
CA ALA B 34 16.65 -10.15 8.99
C ALA B 34 16.67 -9.42 7.64
N MET B 35 15.50 -9.09 7.09
CA MET B 35 15.46 -8.40 5.80
C MET B 35 16.00 -7.00 5.90
N TYR B 36 15.71 -6.32 7.01
CA TYR B 36 16.23 -4.96 7.23
C TYR B 36 17.74 -5.04 7.30
N GLY B 37 18.23 -6.08 7.97
CA GLY B 37 19.67 -6.28 8.07
C GLY B 37 20.30 -6.55 6.71
N TYR B 38 19.64 -7.36 5.88
CA TYR B 38 20.16 -7.63 4.56
C TYR B 38 20.24 -6.36 3.71
N LEU B 39 19.18 -5.57 3.74
CA LEU B 39 19.14 -4.33 2.96
C LEU B 39 20.22 -3.37 3.44
N GLN B 40 20.44 -3.31 4.75
CA GLN B 40 21.45 -2.39 5.28
C GLN B 40 22.85 -2.82 4.85
N GLU B 41 23.12 -4.12 4.90
CA GLU B 41 24.44 -4.64 4.55
C GLU B 41 24.77 -4.67 3.06
N ASN B 42 23.75 -4.86 2.24
CA ASN B 42 23.96 -4.97 0.81
C ASN B 42 23.43 -3.83 -0.05
N GLY B 43 22.74 -2.87 0.56
CA GLY B 43 22.20 -1.79 -0.23
C GLY B 43 21.98 -0.53 0.59
N PRO B 44 20.72 -0.14 0.82
CA PRO B 44 19.45 -0.76 0.42
C PRO B 44 19.03 -0.74 -1.06
N PHE B 45 19.59 0.17 -1.85
CA PHE B 45 19.27 0.20 -3.29
C PHE B 45 20.53 -0.23 -4.04
N SER B 46 20.46 -1.35 -4.74
CA SER B 46 21.64 -1.86 -5.47
C SER B 46 21.22 -3.07 -6.31
N ILE B 47 22.15 -3.54 -7.14
CA ILE B 47 21.90 -4.72 -7.96
C ILE B 47 21.58 -5.91 -7.06
N ALA B 48 22.44 -6.17 -6.07
CA ALA B 48 22.24 -7.28 -5.14
C ALA B 48 20.93 -7.17 -4.36
N ALA B 49 20.68 -6.00 -3.76
CA ALA B 49 19.45 -5.80 -2.99
C ALA B 49 18.21 -5.90 -3.86
N ASN B 50 18.21 -5.23 -5.01
CA ASN B 50 17.05 -5.27 -5.88
C ASN B 50 16.73 -6.70 -6.35
N GLN B 51 17.75 -7.50 -6.60
CA GLN B 51 17.55 -8.88 -6.99
C GLN B 51 16.97 -9.69 -5.83
N HIS B 52 17.48 -9.43 -4.62
CA HIS B 52 17.03 -10.14 -3.41
C HIS B 52 15.54 -9.83 -3.18
N ILE B 53 15.16 -8.58 -3.44
CA ILE B 53 13.77 -8.16 -3.27
C ILE B 53 12.86 -8.86 -4.30
N GLN B 54 13.31 -8.93 -5.54
CA GLN B 54 12.52 -9.58 -6.57
C GLN B 54 12.38 -11.07 -6.29
N GLN B 55 13.44 -11.68 -5.75
CA GLN B 55 13.39 -13.09 -5.43
C GLN B 55 12.42 -13.33 -4.28
N LEU B 56 12.42 -12.43 -3.29
CA LEU B 56 11.50 -12.57 -2.15
C LEU B 56 10.05 -12.45 -2.61
N ILE B 57 9.80 -11.52 -3.53
CA ILE B 57 8.44 -11.34 -4.04
C ILE B 57 7.93 -12.59 -4.75
N ALA B 58 8.79 -13.22 -5.54
CA ALA B 58 8.43 -14.42 -6.30
C ALA B 58 8.12 -15.56 -5.35
N GLN B 59 8.91 -15.64 -4.28
CA GLN B 59 8.77 -16.64 -3.24
C GLN B 59 7.43 -16.51 -2.50
N LEU B 60 7.04 -15.28 -2.18
CA LEU B 60 5.74 -15.05 -1.52
C LEU B 60 4.59 -15.36 -2.49
N ARG B 61 4.71 -14.92 -3.75
CA ARG B 61 3.67 -15.16 -4.75
C ARG B 61 3.46 -16.68 -4.90
N GLN B 62 4.55 -17.42 -4.88
CA GLN B 62 4.48 -18.88 -5.03
C GLN B 62 3.86 -19.56 -3.84
N ALA B 63 4.20 -19.11 -2.62
CA ALA B 63 3.65 -19.70 -1.40
C ALA B 63 2.14 -19.47 -1.35
N LEU B 64 1.70 -18.28 -1.76
CA LEU B 64 0.28 -17.94 -1.76
C LEU B 64 -0.43 -18.86 -2.78
N ALA B 65 0.18 -19.01 -3.95
CA ALA B 65 -0.37 -19.83 -5.01
C ALA B 65 -0.56 -21.27 -4.51
N GLU B 66 0.43 -21.80 -3.81
CA GLU B 66 0.37 -23.16 -3.29
C GLU B 66 -0.69 -23.29 -2.21
N THR B 67 -0.90 -22.21 -1.45
CA THR B 67 -1.88 -22.21 -0.40
C THR B 67 -3.29 -22.45 -0.95
N PHE B 68 -3.60 -21.84 -2.09
CA PHE B 68 -4.93 -22.01 -2.70
C PHE B 68 -4.97 -23.01 -3.86
N ASN B 69 -3.83 -23.68 -4.10
CA ASN B 69 -3.72 -24.66 -5.18
C ASN B 69 -3.99 -24.08 -6.57
N VAL B 70 -3.32 -22.98 -6.90
CA VAL B 70 -3.48 -22.35 -8.21
C VAL B 70 -2.11 -21.94 -8.76
N ASP B 71 -2.11 -21.46 -9.99
CA ASP B 71 -0.88 -21.04 -10.66
C ASP B 71 -0.55 -19.63 -10.16
N PRO B 72 0.76 -19.33 -9.96
CA PRO B 72 1.29 -18.04 -9.49
C PRO B 72 0.79 -16.86 -10.35
N ASN B 73 0.51 -17.12 -11.62
CA ASN B 73 0.01 -16.08 -12.52
C ASN B 73 -1.36 -15.53 -12.14
N THR B 74 -2.09 -16.24 -11.29
CA THR B 74 -3.42 -15.77 -10.87
C THR B 74 -3.37 -14.94 -9.59
N ILE B 75 -2.19 -14.82 -9.00
CA ILE B 75 -2.02 -14.11 -7.73
C ILE B 75 -1.41 -12.71 -7.83
N THR B 76 -2.07 -11.77 -7.16
CA THR B 76 -1.62 -10.39 -7.06
C THR B 76 -1.34 -10.10 -5.59
N ILE B 77 -0.20 -9.48 -5.29
CA ILE B 77 0.16 -9.12 -3.92
C ILE B 77 -0.30 -7.70 -3.68
N THR B 78 -1.05 -7.49 -2.61
CA THR B 78 -1.59 -6.17 -2.21
C THR B 78 -1.21 -5.89 -0.75
N ASP B 79 -1.81 -4.87 -0.16
CA ASP B 79 -1.54 -4.51 1.23
C ASP B 79 -2.63 -4.97 2.20
N ASN B 80 -3.81 -5.32 1.68
CA ASN B 80 -4.91 -5.69 2.55
C ASN B 80 -6.05 -6.25 1.72
N VAL B 81 -7.14 -6.65 2.39
CA VAL B 81 -8.30 -7.22 1.69
C VAL B 81 -8.94 -6.20 0.75
N THR B 82 -9.16 -5.00 1.28
CA THR B 82 -9.83 -3.94 0.54
C THR B 82 -9.25 -3.62 -0.84
N THR B 83 -7.93 -3.49 -0.93
CA THR B 83 -7.28 -3.17 -2.21
C THR B 83 -7.66 -4.16 -3.30
N GLY B 84 -7.68 -5.45 -2.97
CA GLY B 84 -8.09 -6.46 -3.94
C GLY B 84 -9.47 -6.15 -4.49
N CYS B 85 -10.38 -5.73 -3.61
CA CYS B 85 -11.74 -5.39 -4.05
C CYS B 85 -11.71 -4.14 -4.95
N ASP B 86 -10.89 -3.14 -4.62
CA ASP B 86 -10.76 -1.93 -5.45
C ASP B 86 -10.25 -2.25 -6.88
N ILE B 87 -9.28 -3.16 -6.96
CA ILE B 87 -8.72 -3.59 -8.24
C ILE B 87 -9.82 -4.18 -9.15
N VAL B 88 -10.58 -5.13 -8.61
CA VAL B 88 -11.64 -5.78 -9.39
C VAL B 88 -12.78 -4.81 -9.76
N LEU B 89 -13.26 -4.07 -8.77
CA LEU B 89 -14.36 -3.13 -8.99
C LEU B 89 -14.05 -1.98 -9.95
N TRP B 90 -12.90 -1.33 -9.80
CA TRP B 90 -12.53 -0.24 -10.70
C TRP B 90 -12.06 -0.75 -12.08
N GLY B 91 -11.63 -2.01 -12.15
CA GLY B 91 -11.17 -2.61 -13.40
C GLY B 91 -12.23 -3.03 -14.43
N LEU B 92 -13.43 -3.32 -13.97
CA LEU B 92 -14.53 -3.75 -14.85
C LEU B 92 -15.07 -2.62 -15.73
N ASP B 93 -15.43 -2.96 -16.97
CA ASP B 93 -15.94 -2.00 -17.96
C ASP B 93 -17.44 -1.68 -17.76
N TRP B 94 -17.76 -0.96 -16.69
CA TRP B 94 -19.15 -0.60 -16.31
C TRP B 94 -19.88 0.32 -17.28
N HIS B 95 -21.14 0.01 -17.54
CA HIS B 95 -22.00 0.82 -18.42
C HIS B 95 -23.22 1.27 -17.61
N GLN B 96 -23.66 2.50 -17.83
CA GLN B 96 -24.82 3.04 -17.11
C GLN B 96 -25.96 2.02 -17.07
N GLY B 97 -26.52 1.81 -15.88
CA GLY B 97 -27.62 0.87 -15.75
C GLY B 97 -27.22 -0.51 -15.28
N ASP B 98 -25.92 -0.82 -15.30
CA ASP B 98 -25.44 -2.12 -14.86
C ASP B 98 -25.76 -2.24 -13.37
N GLU B 99 -26.02 -3.46 -12.91
CA GLU B 99 -26.34 -3.66 -11.50
C GLU B 99 -25.41 -4.56 -10.70
N ILE B 100 -25.17 -4.16 -9.46
CA ILE B 100 -24.34 -4.91 -8.53
C ILE B 100 -25.20 -5.32 -7.34
N LEU B 101 -25.11 -6.58 -6.95
CA LEU B 101 -25.86 -7.09 -5.79
C LEU B 101 -24.88 -7.47 -4.67
N LEU B 102 -25.10 -6.97 -3.46
CA LEU B 102 -24.24 -7.29 -2.30
C LEU B 102 -25.09 -7.89 -1.17
N THR B 103 -24.48 -8.66 -0.27
CA THR B 103 -25.27 -9.19 0.84
C THR B 103 -25.46 -8.05 1.81
N ASP B 104 -26.31 -8.24 2.80
CA ASP B 104 -26.54 -7.21 3.80
C ASP B 104 -25.52 -7.37 4.94
N CYS B 105 -24.49 -8.17 4.72
CA CYS B 105 -23.45 -8.39 5.74
C CYS B 105 -22.05 -8.03 5.25
N GLU B 106 -21.96 -7.17 4.24
CA GLU B 106 -20.65 -6.78 3.73
C GLU B 106 -20.05 -5.64 4.54
N HIS B 107 -18.73 -5.51 4.44
CA HIS B 107 -17.95 -4.51 5.16
C HIS B 107 -18.21 -3.09 4.64
N PRO B 108 -18.32 -2.10 5.55
CA PRO B 108 -18.58 -0.69 5.21
C PRO B 108 -17.62 -0.18 4.14
N GLY B 109 -16.36 -0.55 4.26
CA GLY B 109 -15.37 -0.11 3.28
C GLY B 109 -15.67 -0.57 1.88
N ILE B 110 -16.16 -1.80 1.74
CA ILE B 110 -16.52 -2.38 0.45
C ILE B 110 -17.72 -1.62 -0.13
N ILE B 111 -18.71 -1.37 0.71
CA ILE B 111 -19.91 -0.62 0.27
C ILE B 111 -19.48 0.75 -0.27
N ALA B 112 -18.48 1.37 0.37
CA ALA B 112 -18.03 2.68 -0.07
C ALA B 112 -17.46 2.65 -1.51
N ILE B 113 -16.76 1.57 -1.86
CA ILE B 113 -16.22 1.47 -3.21
C ILE B 113 -17.41 1.45 -4.18
N VAL B 114 -18.38 0.59 -3.90
CA VAL B 114 -19.57 0.42 -4.72
C VAL B 114 -20.30 1.74 -4.92
N GLN B 115 -20.38 2.52 -3.86
CA GLN B 115 -21.05 3.82 -3.95
C GLN B 115 -20.24 4.75 -4.85
N ALA B 116 -18.93 4.66 -4.74
CA ALA B 116 -18.05 5.47 -5.56
C ALA B 116 -18.22 5.08 -7.02
N ILE B 117 -18.32 3.78 -7.27
CA ILE B 117 -18.49 3.25 -8.64
C ILE B 117 -19.83 3.68 -9.20
N ALA B 118 -20.89 3.63 -8.38
CA ALA B 118 -22.22 4.01 -8.86
C ALA B 118 -22.22 5.46 -9.30
N ALA B 119 -21.57 6.31 -8.50
CA ALA B 119 -21.49 7.72 -8.84
C ALA B 119 -20.67 7.96 -10.12
N ARG B 120 -19.60 7.21 -10.31
CA ARG B 120 -18.73 7.41 -11.49
C ARG B 120 -19.26 6.86 -12.81
N PHE B 121 -19.76 5.63 -12.81
CA PHE B 121 -20.23 5.01 -14.05
C PHE B 121 -21.75 4.94 -14.20
N GLY B 122 -22.47 5.43 -13.22
CA GLY B 122 -23.91 5.39 -13.30
C GLY B 122 -24.52 4.01 -13.17
N ILE B 123 -23.86 3.11 -12.43
CA ILE B 123 -24.42 1.78 -12.22
C ILE B 123 -25.33 1.82 -10.97
N THR B 124 -26.09 0.76 -10.73
CA THR B 124 -26.95 0.74 -9.54
C THR B 124 -26.59 -0.45 -8.65
N TYR B 125 -27.00 -0.41 -7.38
CA TYR B 125 -26.71 -1.51 -6.47
C TYR B 125 -27.85 -1.76 -5.49
N ARG B 126 -28.01 -3.03 -5.11
CA ARG B 126 -29.05 -3.46 -4.20
C ARG B 126 -28.50 -4.52 -3.26
N PHE B 127 -29.06 -4.60 -2.05
CA PHE B 127 -28.64 -5.59 -1.08
C PHE B 127 -29.65 -6.74 -1.09
N PHE B 128 -29.20 -7.91 -0.67
CA PHE B 128 -30.08 -9.07 -0.53
C PHE B 128 -29.76 -9.66 0.84
N PRO B 129 -30.81 -9.99 1.61
CA PRO B 129 -30.73 -10.55 2.96
C PRO B 129 -30.14 -11.92 3.22
N VAL B 130 -28.95 -11.95 3.83
CA VAL B 130 -28.33 -13.23 4.17
C VAL B 130 -28.16 -13.39 5.69
N ALA B 131 -28.09 -12.27 6.41
CA ALA B 131 -27.92 -12.33 7.86
C ALA B 131 -28.92 -13.29 8.49
N ALA B 132 -30.18 -13.16 8.08
CA ALA B 132 -31.25 -14.00 8.58
C ALA B 132 -31.16 -15.46 8.19
N THR B 133 -30.18 -15.81 7.37
CA THR B 133 -30.05 -17.21 6.99
C THR B 133 -29.04 -18.00 7.81
N LEU B 134 -28.60 -17.44 8.95
CA LEU B 134 -27.64 -18.13 9.79
C LEU B 134 -28.15 -19.47 10.33
N ASN B 135 -29.40 -19.47 10.79
CA ASN B 135 -30.01 -20.67 11.37
C ASN B 135 -31.13 -21.32 10.53
N GLN B 136 -31.54 -20.66 9.45
CA GLN B 136 -32.57 -21.20 8.57
C GLN B 136 -32.51 -20.54 7.19
N GLY B 137 -33.30 -21.04 6.25
CA GLY B 137 -33.32 -20.45 4.93
C GLY B 137 -32.16 -20.87 4.04
N ASP B 138 -32.08 -20.23 2.88
CA ASP B 138 -31.04 -20.55 1.90
C ASP B 138 -30.55 -19.27 1.23
N ALA B 139 -29.31 -18.89 1.52
CA ALA B 139 -28.74 -17.67 0.95
C ALA B 139 -28.72 -17.75 -0.59
N ALA B 140 -28.46 -18.93 -1.14
CA ALA B 140 -28.44 -19.06 -2.61
C ALA B 140 -29.81 -18.79 -3.22
N ALA B 141 -30.87 -19.24 -2.53
CA ALA B 141 -32.23 -19.05 -3.01
C ALA B 141 -32.60 -17.58 -2.93
N VAL B 142 -32.16 -16.91 -1.85
CA VAL B 142 -32.45 -15.49 -1.69
C VAL B 142 -31.84 -14.76 -2.90
N LEU B 143 -30.57 -15.07 -3.20
CA LEU B 143 -29.91 -14.44 -4.33
C LEU B 143 -30.71 -14.69 -5.63
N ALA B 144 -31.07 -15.93 -5.88
CA ALA B 144 -31.85 -16.26 -7.07
C ALA B 144 -33.10 -15.38 -7.20
N ASN B 145 -33.73 -15.04 -6.09
CA ASN B 145 -34.94 -14.20 -6.11
C ASN B 145 -34.64 -12.71 -6.33
N HIS B 146 -33.35 -12.33 -6.37
CA HIS B 146 -32.99 -10.94 -6.58
C HIS B 146 -32.30 -10.68 -7.92
N LEU B 147 -31.77 -11.74 -8.53
CA LEU B 147 -31.09 -11.60 -9.82
C LEU B 147 -32.00 -11.02 -10.87
N GLY B 148 -31.46 -10.04 -11.61
CA GLY B 148 -32.24 -9.40 -12.66
C GLY B 148 -31.52 -9.45 -14.00
N PRO B 149 -32.12 -8.84 -15.04
CA PRO B 149 -31.53 -8.83 -16.38
C PRO B 149 -30.24 -8.02 -16.49
N LYS B 150 -30.12 -6.98 -15.66
CA LYS B 150 -28.95 -6.13 -15.69
C LYS B 150 -27.91 -6.47 -14.62
N THR B 151 -28.13 -7.55 -13.87
CA THR B 151 -27.17 -7.94 -12.85
C THR B 151 -25.86 -8.37 -13.53
N ARG B 152 -24.76 -7.74 -13.15
CA ARG B 152 -23.45 -8.03 -13.73
C ARG B 152 -22.47 -8.65 -12.74
N LEU B 153 -22.53 -8.21 -11.48
CA LEU B 153 -21.63 -8.74 -10.45
C LEU B 153 -22.31 -8.89 -9.10
N VAL B 154 -21.92 -9.92 -8.36
CA VAL B 154 -22.45 -10.15 -7.02
C VAL B 154 -21.25 -10.07 -6.08
N ILE B 155 -21.40 -9.41 -4.93
CA ILE B 155 -20.30 -9.29 -3.96
C ILE B 155 -20.69 -9.96 -2.64
N LEU B 156 -19.90 -10.92 -2.17
CA LEU B 156 -20.22 -11.59 -0.92
C LEU B 156 -19.00 -12.01 -0.09
N SER B 157 -19.17 -12.05 1.23
CA SER B 157 -18.10 -12.49 2.14
C SER B 157 -18.30 -13.98 2.35
N HIS B 158 -17.28 -14.79 2.07
CA HIS B 158 -17.37 -16.23 2.21
C HIS B 158 -17.72 -16.61 3.65
N LEU B 159 -17.06 -15.96 4.60
CA LEU B 159 -17.32 -16.19 6.03
C LEU B 159 -17.72 -14.82 6.54
N LEU B 160 -18.96 -14.69 6.99
CA LEU B 160 -19.47 -13.39 7.46
C LEU B 160 -18.78 -12.90 8.72
N TRP B 161 -18.29 -11.66 8.67
CA TRP B 161 -17.55 -11.04 9.77
C TRP B 161 -18.40 -10.67 10.96
N ASN B 162 -19.71 -10.54 10.74
CA ASN B 162 -20.61 -10.16 11.81
C ASN B 162 -21.34 -11.31 12.53
N THR B 163 -21.84 -12.28 11.78
CA THR B 163 -22.57 -13.38 12.38
C THR B 163 -21.81 -14.70 12.48
N GLY B 164 -20.74 -14.85 11.71
CA GLY B 164 -19.99 -16.10 11.74
C GLY B 164 -20.49 -17.16 10.76
N GLN B 165 -21.46 -16.81 9.91
CA GLN B 165 -21.99 -17.77 8.95
C GLN B 165 -21.04 -18.02 7.79
N VAL B 166 -20.93 -19.27 7.35
CA VAL B 166 -20.11 -19.60 6.18
C VAL B 166 -21.13 -19.73 5.04
N LEU B 167 -21.10 -18.84 4.05
CA LEU B 167 -22.08 -18.91 2.95
C LEU B 167 -21.80 -20.09 2.04
N PRO B 168 -22.87 -20.64 1.42
CA PRO B 168 -22.75 -21.80 0.51
C PRO B 168 -22.25 -21.32 -0.85
N LEU B 169 -20.96 -20.98 -0.90
CA LEU B 169 -20.33 -20.45 -2.11
C LEU B 169 -20.53 -21.27 -3.37
N ALA B 170 -20.35 -22.59 -3.29
CA ALA B 170 -20.52 -23.44 -4.46
C ALA B 170 -21.94 -23.31 -5.03
N GLU B 171 -22.95 -23.40 -4.17
CA GLU B 171 -24.33 -23.28 -4.63
C GLU B 171 -24.59 -21.89 -5.19
N ILE B 172 -23.99 -20.88 -4.58
CA ILE B 172 -24.19 -19.51 -5.05
C ILE B 172 -23.59 -19.30 -6.44
N MET B 173 -22.43 -19.91 -6.68
CA MET B 173 -21.77 -19.78 -7.97
C MET B 173 -22.67 -20.42 -9.06
N ALA B 174 -23.19 -21.60 -8.77
CA ALA B 174 -24.08 -22.32 -9.69
C ALA B 174 -25.29 -21.48 -10.05
N VAL B 175 -25.90 -20.87 -9.04
CA VAL B 175 -27.06 -20.03 -9.28
C VAL B 175 -26.65 -18.91 -10.25
N CYS B 176 -25.53 -18.26 -9.97
CA CYS B 176 -25.06 -17.18 -10.84
C CYS B 176 -24.78 -17.61 -12.29
N ARG B 177 -24.11 -18.74 -12.47
CA ARG B 177 -23.82 -19.20 -13.84
C ARG B 177 -25.06 -19.70 -14.58
N ARG B 178 -26.08 -20.10 -13.81
CA ARG B 178 -27.32 -20.62 -14.39
C ARG B 178 -28.18 -19.48 -14.93
N HIS B 179 -28.03 -18.31 -14.34
CA HIS B 179 -28.81 -17.13 -14.72
C HIS B 179 -28.61 -16.68 -16.15
N GLN B 180 -29.70 -16.28 -16.79
CA GLN B 180 -29.70 -15.80 -18.17
C GLN B 180 -30.12 -14.34 -18.21
N GLY B 181 -29.16 -13.45 -18.42
CA GLY B 181 -29.47 -12.03 -18.47
C GLY B 181 -28.58 -11.37 -19.48
N ASN B 182 -28.45 -10.05 -19.39
CA ASN B 182 -27.61 -9.29 -20.31
C ASN B 182 -26.12 -9.54 -20.10
N TYR B 183 -25.78 -10.15 -18.98
CA TYR B 183 -24.38 -10.43 -18.69
C TYR B 183 -24.18 -11.75 -17.98
N PRO B 184 -23.04 -12.41 -18.22
CA PRO B 184 -22.81 -13.67 -17.52
C PRO B 184 -22.47 -13.14 -16.12
N VAL B 185 -23.19 -13.56 -15.09
CA VAL B 185 -22.95 -13.07 -13.73
C VAL B 185 -21.65 -13.56 -13.08
N ARG B 186 -20.85 -12.62 -12.59
CA ARG B 186 -19.58 -12.95 -11.93
C ARG B 186 -19.67 -12.67 -10.42
N VAL B 187 -18.83 -13.32 -9.62
CA VAL B 187 -18.86 -13.13 -8.18
C VAL B 187 -17.51 -12.74 -7.53
N LEU B 188 -17.49 -11.57 -6.90
CA LEU B 188 -16.29 -11.11 -6.19
C LEU B 188 -16.44 -11.53 -4.73
N VAL B 189 -15.53 -12.35 -4.25
CA VAL B 189 -15.57 -12.82 -2.86
C VAL B 189 -14.62 -12.10 -1.90
N ASP B 190 -15.14 -11.63 -0.77
CA ASP B 190 -14.32 -10.98 0.26
C ASP B 190 -13.93 -12.12 1.21
N GLY B 191 -12.67 -12.51 1.19
CA GLY B 191 -12.19 -13.59 2.04
C GLY B 191 -11.43 -13.13 3.29
N ALA B 192 -11.79 -11.97 3.84
CA ALA B 192 -11.09 -11.48 5.03
C ALA B 192 -11.08 -12.46 6.20
N GLN B 193 -12.18 -13.20 6.38
CA GLN B 193 -12.27 -14.16 7.48
C GLN B 193 -12.01 -15.60 7.05
N SER B 194 -12.39 -15.95 5.83
CA SER B 194 -12.22 -17.34 5.37
C SER B 194 -10.79 -17.78 5.09
N ALA B 195 -10.00 -16.94 4.41
CA ALA B 195 -8.62 -17.32 4.07
C ALA B 195 -7.79 -17.51 5.33
N GLY B 196 -7.18 -18.68 5.47
CA GLY B 196 -6.36 -18.93 6.65
C GLY B 196 -7.13 -19.63 7.76
N SER B 197 -8.44 -19.81 7.59
CA SER B 197 -9.22 -20.52 8.60
C SER B 197 -9.93 -21.67 7.89
N LEU B 198 -10.59 -21.41 6.78
CA LEU B 198 -11.26 -22.47 6.02
C LEU B 198 -10.28 -23.06 5.01
N PRO B 199 -10.43 -24.35 4.69
CA PRO B 199 -9.54 -24.99 3.71
C PRO B 199 -9.99 -24.46 2.34
N LEU B 200 -9.10 -23.80 1.60
CA LEU B 200 -9.51 -23.27 0.30
C LEU B 200 -8.67 -23.82 -0.84
N ASP B 201 -9.36 -24.39 -1.84
CA ASP B 201 -8.73 -24.97 -3.04
C ASP B 201 -9.49 -24.46 -4.27
N PHE B 202 -8.95 -23.44 -4.92
CA PHE B 202 -9.58 -22.84 -6.09
C PHE B 202 -9.50 -23.66 -7.38
N SER B 203 -8.98 -24.88 -7.29
CA SER B 203 -8.92 -25.77 -8.44
C SER B 203 -10.08 -26.75 -8.31
N ARG B 204 -10.62 -26.84 -7.10
CA ARG B 204 -11.74 -27.72 -6.82
C ARG B 204 -12.97 -26.84 -6.68
N LEU B 205 -12.74 -25.66 -6.13
CA LEU B 205 -13.79 -24.67 -5.92
C LEU B 205 -13.61 -23.63 -7.00
N GLU B 206 -14.63 -23.48 -7.84
CA GLU B 206 -14.54 -22.52 -8.93
C GLU B 206 -14.98 -21.14 -8.45
N VAL B 207 -14.07 -20.17 -8.54
CA VAL B 207 -14.38 -18.81 -8.14
C VAL B 207 -13.83 -17.87 -9.20
N ASP B 208 -14.41 -16.67 -9.30
CA ASP B 208 -13.99 -15.67 -10.26
C ASP B 208 -12.89 -14.74 -9.69
N TYR B 209 -13.22 -14.06 -8.60
CA TYR B 209 -12.28 -13.16 -7.92
C TYR B 209 -12.36 -13.43 -6.41
N TYR B 210 -11.20 -13.54 -5.74
CA TYR B 210 -11.19 -13.82 -4.31
C TYR B 210 -10.13 -12.91 -3.61
N ALA B 211 -10.59 -11.91 -2.87
CA ALA B 211 -9.71 -10.96 -2.16
C ALA B 211 -9.42 -11.42 -0.73
N PHE B 212 -8.16 -11.31 -0.30
CA PHE B 212 -7.79 -11.72 1.06
C PHE B 212 -6.63 -10.88 1.63
N THR B 213 -6.33 -11.09 2.92
CA THR B 213 -5.24 -10.38 3.59
C THR B 213 -4.39 -11.40 4.33
N GLY B 214 -3.16 -11.03 4.64
CA GLY B 214 -2.31 -11.95 5.37
C GLY B 214 -2.23 -11.67 6.85
N HIS B 215 -2.76 -10.52 7.31
CA HIS B 215 -2.65 -10.15 8.72
C HIS B 215 -3.67 -10.66 9.73
N ALA B 216 -4.71 -11.36 9.29
CA ALA B 216 -5.70 -11.87 10.23
C ALA B 216 -5.43 -13.34 10.54
N TRP B 217 -6.23 -14.25 10.00
CA TRP B 217 -6.02 -15.66 10.29
C TRP B 217 -4.66 -16.25 9.86
N PHE B 218 -4.03 -15.71 8.82
CA PHE B 218 -2.70 -16.22 8.41
C PHE B 218 -1.60 -15.77 9.38
N ALA B 219 -1.92 -14.82 10.25
CA ALA B 219 -0.97 -14.31 11.27
C ALA B 219 0.28 -13.58 10.78
N GLY B 220 0.18 -12.95 9.61
CA GLY B 220 1.31 -12.20 9.10
C GLY B 220 1.22 -10.79 9.67
N PRO B 221 2.14 -9.90 9.29
CA PRO B 221 2.12 -8.52 9.80
C PRO B 221 1.10 -7.63 9.07
N ALA B 222 0.63 -6.58 9.73
CA ALA B 222 -0.28 -5.63 9.11
C ALA B 222 0.42 -5.03 7.89
N GLY B 223 -0.29 -4.94 6.76
CA GLY B 223 0.34 -4.38 5.57
C GLY B 223 0.54 -5.25 4.34
N VAL B 224 0.28 -6.56 4.42
CA VAL B 224 0.45 -7.42 3.27
C VAL B 224 -0.80 -8.29 3.06
N GLY B 225 -1.37 -8.24 1.85
CA GLY B 225 -2.55 -9.04 1.51
C GLY B 225 -2.44 -9.53 0.07
N GLY B 226 -3.51 -10.06 -0.49
CA GLY B 226 -3.44 -10.55 -1.85
C GLY B 226 -4.77 -10.71 -2.57
N LEU B 227 -4.71 -11.03 -3.87
CA LEU B 227 -5.93 -11.18 -4.67
C LEU B 227 -5.81 -12.28 -5.74
N TYR B 228 -6.82 -13.13 -5.81
CA TYR B 228 -6.85 -14.17 -6.81
C TYR B 228 -7.89 -13.81 -7.88
N ILE B 229 -7.52 -14.00 -9.14
CA ILE B 229 -8.38 -13.76 -10.30
C ILE B 229 -8.22 -14.97 -11.21
N HIS B 230 -9.32 -15.61 -11.56
CA HIS B 230 -9.29 -16.78 -12.45
C HIS B 230 -8.73 -16.33 -13.81
N GLY B 231 -7.94 -17.19 -14.44
CA GLY B 231 -7.37 -16.87 -15.74
C GLY B 231 -8.41 -16.46 -16.79
N ASP B 232 -9.63 -16.98 -16.69
CA ASP B 232 -10.66 -16.63 -17.66
C ASP B 232 -11.28 -15.27 -17.44
N CYS B 233 -10.98 -14.67 -16.30
CA CYS B 233 -11.51 -13.37 -15.94
C CYS B 233 -10.49 -12.25 -16.02
N LEU B 234 -9.21 -12.60 -16.12
CA LEU B 234 -8.14 -11.59 -16.16
C LEU B 234 -8.37 -10.50 -17.20
N GLY B 235 -8.75 -10.90 -18.42
CA GLY B 235 -8.98 -9.93 -19.49
C GLY B 235 -10.02 -8.85 -19.24
N GLU B 236 -11.04 -9.19 -18.48
CA GLU B 236 -12.12 -8.27 -18.15
C GLU B 236 -11.70 -7.22 -17.13
N ILE B 237 -10.57 -7.42 -16.49
CA ILE B 237 -10.13 -6.48 -15.46
C ILE B 237 -9.03 -5.56 -15.99
N ASN B 238 -9.38 -4.29 -16.23
CA ASN B 238 -8.40 -3.35 -16.73
C ASN B 238 -7.57 -2.78 -15.56
N PRO B 239 -6.24 -2.69 -15.73
CA PRO B 239 -5.47 -2.13 -14.62
C PRO B 239 -5.95 -0.68 -14.36
N THR B 240 -5.93 -0.24 -13.11
CA THR B 240 -6.34 1.11 -12.73
C THR B 240 -5.14 1.78 -12.05
N TYR B 241 -4.95 1.55 -10.75
CA TYR B 241 -3.77 2.12 -10.10
C TYR B 241 -2.57 1.31 -10.60
N VAL B 242 -1.66 1.96 -11.32
CA VAL B 242 -0.47 1.28 -11.86
C VAL B 242 0.78 2.08 -11.56
N GLY B 243 1.93 1.46 -11.81
CA GLY B 243 3.22 2.10 -11.57
C GLY B 243 4.31 1.29 -12.24
N TRP B 244 5.57 1.50 -11.83
CA TRP B 244 6.67 0.78 -12.47
C TRP B 244 6.63 -0.74 -12.31
N ARG B 245 5.91 -1.24 -11.32
CA ARG B 245 5.80 -2.70 -11.13
C ARG B 245 4.75 -3.32 -12.05
N SER B 246 3.93 -2.50 -12.70
CA SER B 246 2.83 -2.99 -13.54
C SER B 246 3.12 -3.31 -15.00
N ILE B 247 4.25 -2.80 -15.49
CA ILE B 247 4.60 -2.90 -16.90
C ILE B 247 5.86 -3.66 -17.31
N THR B 248 6.02 -3.82 -18.62
CA THR B 248 7.21 -4.45 -19.20
C THR B 248 7.93 -3.25 -19.82
N TYR B 249 9.24 -3.35 -20.01
CA TYR B 249 10.01 -2.25 -20.52
C TYR B 249 10.65 -2.43 -21.90
N GLY B 250 10.79 -1.32 -22.62
CA GLY B 250 11.37 -1.35 -23.93
C GLY B 250 12.85 -0.99 -23.92
N ALA B 251 13.43 -0.92 -25.12
CA ALA B 251 14.85 -0.60 -25.34
C ALA B 251 15.37 0.61 -24.56
N LYS B 252 14.64 1.71 -24.60
CA LYS B 252 15.05 2.91 -23.90
C LYS B 252 14.36 3.08 -22.55
N GLY B 253 13.89 1.97 -21.98
CA GLY B 253 13.22 2.00 -20.68
C GLY B 253 11.79 2.52 -20.69
N GLU B 254 11.18 2.56 -21.86
CA GLU B 254 9.81 3.04 -22.00
C GLU B 254 8.79 1.90 -21.83
N PRO B 255 7.55 2.22 -21.43
CA PRO B 255 6.50 1.21 -21.24
C PRO B 255 6.12 0.51 -22.54
N THR B 256 6.15 -0.82 -22.55
CA THR B 256 5.79 -1.55 -23.77
C THR B 256 4.56 -2.45 -23.62
N GLY B 257 4.03 -2.56 -22.39
CA GLY B 257 2.86 -3.40 -22.17
C GLY B 257 2.71 -3.77 -20.70
N TRP B 258 1.73 -4.62 -20.40
CA TRP B 258 1.49 -5.02 -19.03
C TRP B 258 2.37 -6.19 -18.58
N ALA B 259 2.78 -6.15 -17.30
CA ALA B 259 3.56 -7.24 -16.74
C ALA B 259 2.70 -8.53 -16.77
N GLU B 260 3.37 -9.67 -16.63
CA GLU B 260 2.73 -10.99 -16.64
C GLU B 260 1.71 -11.22 -15.52
N GLY B 261 0.57 -11.79 -15.92
CA GLY B 261 -0.48 -12.12 -14.96
C GLY B 261 -0.88 -11.05 -13.95
N GLY B 262 -0.94 -11.43 -12.67
CA GLY B 262 -1.36 -10.51 -11.63
C GLY B 262 -0.43 -9.36 -11.32
N LYS B 263 0.78 -9.40 -11.86
CA LYS B 263 1.75 -8.33 -11.62
C LYS B 263 1.27 -6.99 -12.13
N ARG B 264 0.38 -7.01 -13.14
CA ARG B 264 -0.12 -5.77 -13.75
C ARG B 264 -0.95 -4.92 -12.81
N PHE B 265 -1.38 -5.50 -11.69
CA PHE B 265 -2.16 -4.75 -10.70
C PHE B 265 -1.32 -4.36 -9.48
N GLU B 266 0.00 -4.54 -9.58
CA GLU B 266 0.95 -4.18 -8.51
C GLU B 266 1.50 -2.82 -8.91
N VAL B 267 1.65 -1.94 -7.93
CA VAL B 267 2.05 -0.55 -8.21
C VAL B 267 3.49 -0.09 -8.16
N ALA B 268 4.07 -0.04 -6.96
CA ALA B 268 5.42 0.45 -6.81
C ALA B 268 6.07 0.03 -5.49
N THR B 269 6.94 0.89 -4.94
CA THR B 269 7.64 0.49 -3.71
C THR B 269 6.71 0.08 -2.58
N SER B 270 7.01 -1.06 -1.96
CA SER B 270 6.22 -1.59 -0.85
C SER B 270 7.14 -1.95 0.32
N ALA B 271 6.56 -2.34 1.46
CA ALA B 271 7.32 -2.70 2.65
C ALA B 271 7.85 -4.14 2.53
N TYR B 272 8.89 -4.31 1.72
CA TYR B 272 9.45 -5.64 1.45
C TYR B 272 9.75 -6.53 2.65
N PRO B 273 10.31 -5.97 3.74
CA PRO B 273 10.60 -6.79 4.92
C PRO B 273 9.36 -7.51 5.42
N GLN B 274 8.21 -6.84 5.34
CA GLN B 274 6.94 -7.41 5.79
C GLN B 274 6.55 -8.60 4.94
N TYR B 275 6.95 -8.58 3.67
CA TYR B 275 6.64 -9.68 2.75
C TYR B 275 7.31 -10.94 3.29
N ALA B 276 8.53 -10.79 3.80
CA ALA B 276 9.27 -11.91 4.36
C ALA B 276 8.58 -12.41 5.63
N GLY B 277 7.96 -11.49 6.36
CA GLY B 277 7.25 -11.90 7.56
C GLY B 277 6.06 -12.78 7.19
N LEU B 278 5.26 -12.37 6.20
CA LEU B 278 4.10 -13.17 5.80
C LEU B 278 4.54 -14.52 5.26
N LEU B 279 5.61 -14.53 4.46
CA LEU B 279 6.10 -15.79 3.92
C LEU B 279 6.42 -16.75 5.07
N ALA B 280 7.08 -16.25 6.13
CA ALA B 280 7.46 -17.10 7.25
C ALA B 280 6.26 -17.60 8.05
N ALA B 281 5.23 -16.76 8.17
CA ALA B 281 4.03 -17.14 8.90
C ALA B 281 3.29 -18.22 8.10
N LEU B 282 3.24 -18.08 6.77
CA LEU B 282 2.58 -19.06 5.92
C LEU B 282 3.22 -20.44 6.05
N GLN B 283 4.55 -20.50 6.03
CA GLN B 283 5.26 -21.76 6.16
C GLN B 283 5.07 -22.36 7.55
N LEU B 284 4.93 -21.52 8.56
CA LEU B 284 4.75 -22.00 9.92
C LEU B 284 3.45 -22.79 10.06
N HIS B 285 2.37 -22.28 9.48
CA HIS B 285 1.10 -22.97 9.57
C HIS B 285 1.15 -24.35 8.92
N GLN B 286 1.87 -24.46 7.80
CA GLN B 286 1.99 -25.74 7.11
C GLN B 286 2.74 -26.77 7.96
N ARG B 287 3.63 -26.30 8.83
CA ARG B 287 4.37 -27.20 9.71
C ARG B 287 3.51 -27.68 10.87
N GLN B 288 2.38 -27.04 11.11
CA GLN B 288 1.48 -27.42 12.20
C GLN B 288 0.49 -28.50 11.77
N GLY B 289 0.32 -28.66 10.46
CA GLY B 289 -0.60 -29.65 9.94
C GLY B 289 -1.24 -29.09 8.68
N THR B 290 -2.10 -29.89 8.04
CA THR B 290 -2.77 -29.45 6.82
C THR B 290 -3.89 -28.44 7.12
N ALA B 291 -4.36 -27.76 6.07
CA ALA B 291 -5.43 -26.79 6.24
C ALA B 291 -6.66 -27.46 6.86
N GLU B 292 -6.94 -28.69 6.41
CA GLU B 292 -8.07 -29.44 6.93
C GLU B 292 -7.94 -29.73 8.42
N GLU B 293 -6.77 -30.20 8.82
CA GLU B 293 -6.53 -30.51 10.22
C GLU B 293 -6.66 -29.27 11.09
N ARG B 294 -6.14 -28.15 10.60
CA ARG B 294 -6.20 -26.89 11.33
C ARG B 294 -7.64 -26.40 11.39
N TYR B 295 -8.40 -26.62 10.31
CA TYR B 295 -9.79 -26.22 10.30
C TYR B 295 -10.58 -26.99 11.35
N GLN B 296 -10.36 -28.31 11.44
CA GLN B 296 -11.08 -29.10 12.42
C GLN B 296 -10.70 -28.69 13.84
N ALA B 297 -9.44 -28.34 14.05
CA ALA B 297 -8.99 -27.91 15.37
C ALA B 297 -9.70 -26.60 15.72
N ILE B 298 -9.83 -25.70 14.74
CA ILE B 298 -10.51 -24.43 14.98
C ILE B 298 -11.97 -24.70 15.37
N CYS B 299 -12.62 -25.61 14.66
CA CYS B 299 -14.02 -25.90 14.96
C CYS B 299 -14.21 -26.57 16.32
N GLN B 300 -13.22 -27.36 16.75
CA GLN B 300 -13.32 -28.02 18.05
C GLN B 300 -13.29 -26.95 19.13
N ARG B 301 -12.45 -25.93 18.95
CA ARG B 301 -12.36 -24.86 19.93
C ARG B 301 -13.62 -23.97 19.91
N SER B 302 -14.10 -23.60 18.72
CA SER B 302 -15.27 -22.74 18.68
C SER B 302 -16.52 -23.42 19.25
N GLU B 303 -16.66 -24.72 19.02
CA GLU B 303 -17.83 -25.42 19.55
C GLU B 303 -17.75 -25.51 21.08
N PHE B 304 -16.56 -25.76 21.59
CA PHE B 304 -16.34 -25.83 23.03
C PHE B 304 -16.71 -24.47 23.64
N LEU B 305 -16.34 -23.39 22.99
CA LEU B 305 -16.67 -22.07 23.50
C LEU B 305 -18.16 -21.83 23.34
N TRP B 306 -18.69 -22.24 22.20
CA TRP B 306 -20.12 -22.07 21.88
C TRP B 306 -20.96 -22.81 22.94
N ARG B 307 -20.59 -24.04 23.25
CA ARG B 307 -21.31 -24.82 24.26
C ARG B 307 -21.23 -24.10 25.60
N GLY B 308 -20.02 -23.67 25.98
CA GLY B 308 -19.82 -22.95 27.22
C GLY B 308 -20.75 -21.74 27.34
N LEU B 309 -20.84 -20.94 26.27
CA LEU B 309 -21.72 -19.78 26.29
C LEU B 309 -23.20 -20.17 26.38
N ASN B 310 -23.58 -21.28 25.73
CA ASN B 310 -24.98 -21.72 25.80
C ASN B 310 -25.40 -22.02 27.25
N GLN B 311 -24.44 -22.38 28.10
CA GLN B 311 -24.72 -22.68 29.50
C GLN B 311 -24.92 -21.42 30.34
N LEU B 312 -24.30 -20.31 29.93
CA LEU B 312 -24.45 -19.07 30.66
C LEU B 312 -25.85 -18.54 30.44
N PRO B 313 -26.61 -18.34 31.52
CA PRO B 313 -27.99 -17.84 31.46
C PRO B 313 -28.26 -16.49 30.79
N HIS B 314 -27.36 -15.52 30.97
CA HIS B 314 -27.57 -14.20 30.39
C HIS B 314 -26.80 -13.91 29.09
N VAL B 315 -26.29 -14.96 28.46
CA VAL B 315 -25.55 -14.84 27.19
C VAL B 315 -26.36 -15.62 26.16
N HIS B 316 -26.47 -15.07 24.95
CA HIS B 316 -27.23 -15.73 23.89
C HIS B 316 -26.47 -15.74 22.57
N CYS B 317 -26.02 -16.91 22.16
CA CYS B 317 -25.30 -17.05 20.90
C CYS B 317 -26.23 -16.76 19.72
N LEU B 318 -25.69 -16.16 18.66
CA LEU B 318 -26.53 -15.89 17.51
C LEU B 318 -26.84 -17.18 16.74
N ALA B 319 -25.90 -18.12 16.77
CA ALA B 319 -26.05 -19.40 16.08
C ALA B 319 -26.74 -20.46 16.95
N THR B 320 -27.80 -21.07 16.44
CA THR B 320 -28.49 -22.10 17.21
C THR B 320 -27.86 -23.48 17.01
N SER B 321 -26.92 -23.56 16.05
CA SER B 321 -26.17 -24.80 15.80
C SER B 321 -24.69 -24.45 15.95
N ALA B 322 -23.83 -25.47 16.07
CA ALA B 322 -22.40 -25.27 16.23
C ALA B 322 -21.81 -24.37 15.14
N PRO B 323 -20.90 -23.45 15.52
CA PRO B 323 -20.28 -22.56 14.54
C PRO B 323 -19.63 -23.34 13.41
N GLN B 324 -19.75 -22.82 12.19
CA GLN B 324 -19.15 -23.47 11.03
C GLN B 324 -17.68 -23.07 10.88
N ALA B 325 -17.21 -22.15 11.70
CA ALA B 325 -15.81 -21.72 11.63
C ALA B 325 -15.33 -21.25 13.00
N GLY B 326 -14.38 -20.33 13.00
CA GLY B 326 -13.84 -19.88 14.27
C GLY B 326 -14.52 -18.71 14.93
N LEU B 327 -15.52 -18.13 14.25
CA LEU B 327 -16.23 -16.97 14.75
C LEU B 327 -17.45 -17.33 15.58
N VAL B 328 -17.51 -16.78 16.80
CA VAL B 328 -18.64 -17.03 17.70
C VAL B 328 -19.19 -15.68 18.14
N SER B 329 -20.37 -15.33 17.64
CA SER B 329 -21.01 -14.07 18.00
C SER B 329 -22.13 -14.31 19.00
N PHE B 330 -22.31 -13.37 19.92
CA PHE B 330 -23.33 -13.50 20.96
C PHE B 330 -23.72 -12.16 21.59
N THR B 331 -24.88 -12.12 22.23
CA THR B 331 -25.32 -10.90 22.93
C THR B 331 -25.30 -11.22 24.43
N VAL B 332 -25.29 -10.16 25.25
CA VAL B 332 -25.27 -10.32 26.70
C VAL B 332 -26.42 -9.52 27.31
N ASP B 333 -27.24 -10.18 28.12
CA ASP B 333 -28.35 -9.50 28.76
C ASP B 333 -27.81 -8.70 29.95
N SER B 334 -27.61 -7.41 29.74
CA SER B 334 -27.08 -6.54 30.78
C SER B 334 -27.36 -5.07 30.49
N PRO B 335 -27.51 -4.26 31.55
CA PRO B 335 -27.78 -2.83 31.36
C PRO B 335 -26.54 -2.08 30.85
N LEU B 336 -25.39 -2.71 30.95
CA LEU B 336 -24.13 -2.08 30.53
C LEU B 336 -23.96 -1.75 29.05
N GLY B 337 -24.40 -2.63 28.16
CA GLY B 337 -24.21 -2.37 26.75
C GLY B 337 -22.95 -3.10 26.31
N HIS B 338 -22.96 -3.66 25.10
CA HIS B 338 -21.83 -4.44 24.58
C HIS B 338 -20.49 -3.73 24.49
N ARG B 339 -20.47 -2.43 24.19
CA ARG B 339 -19.17 -1.78 24.12
C ARG B 339 -18.54 -1.63 25.51
N ALA B 340 -19.35 -1.37 26.54
CA ALA B 340 -18.78 -1.24 27.87
C ALA B 340 -18.27 -2.59 28.34
N ILE B 341 -18.95 -3.66 27.94
CA ILE B 341 -18.56 -5.02 28.32
C ILE B 341 -17.22 -5.40 27.70
N VAL B 342 -17.03 -5.09 26.42
CA VAL B 342 -15.77 -5.40 25.72
C VAL B 342 -14.61 -4.61 26.35
N GLN B 343 -14.88 -3.37 26.77
CA GLN B 343 -13.86 -2.54 27.39
C GLN B 343 -13.45 -3.10 28.76
N LYS B 344 -14.44 -3.58 29.51
CA LYS B 344 -14.17 -4.16 30.82
C LYS B 344 -13.35 -5.46 30.64
N LEU B 345 -13.68 -6.23 29.61
CA LEU B 345 -12.93 -7.46 29.35
C LEU B 345 -11.48 -7.12 29.01
N GLU B 346 -11.28 -6.09 28.18
CA GLU B 346 -9.92 -5.69 27.83
C GLU B 346 -9.16 -5.23 29.10
N GLU B 347 -9.86 -4.58 30.03
CA GLU B 347 -9.24 -4.14 31.29
C GLU B 347 -8.63 -5.36 31.98
N GLN B 348 -9.21 -6.53 31.71
CA GLN B 348 -8.73 -7.78 32.31
C GLN B 348 -7.83 -8.55 31.35
N ARG B 349 -7.43 -7.90 30.27
CA ARG B 349 -6.57 -8.48 29.26
C ARG B 349 -7.20 -9.66 28.53
N ILE B 350 -8.50 -9.54 28.29
CA ILE B 350 -9.28 -10.52 27.55
C ILE B 350 -9.75 -9.71 26.32
N TYR B 351 -9.35 -10.14 25.12
CA TYR B 351 -9.63 -9.39 23.90
C TYR B 351 -10.65 -9.93 22.90
N LEU B 352 -11.80 -9.26 22.82
CA LEU B 352 -12.87 -9.58 21.87
C LEU B 352 -13.25 -8.26 21.20
N ARG B 353 -14.28 -8.26 20.36
CA ARG B 353 -14.68 -7.00 19.72
C ARG B 353 -16.18 -6.84 19.60
N THR B 354 -16.62 -5.60 19.48
CA THR B 354 -18.03 -5.30 19.30
C THR B 354 -18.34 -5.28 17.79
N ILE B 355 -19.57 -5.68 17.45
CA ILE B 355 -20.04 -5.71 16.06
C ILE B 355 -21.21 -4.72 16.01
N ALA B 356 -21.25 -3.86 14.99
CA ALA B 356 -22.29 -2.85 14.87
C ALA B 356 -23.64 -3.35 14.40
N ASP B 357 -23.64 -4.30 13.48
CA ASP B 357 -24.88 -4.83 12.93
C ASP B 357 -24.75 -6.31 12.55
N PRO B 358 -25.42 -7.20 13.29
CA PRO B 358 -26.26 -6.83 14.44
C PRO B 358 -25.41 -6.42 15.64
N ASP B 359 -26.03 -5.69 16.56
CA ASP B 359 -25.36 -5.24 17.78
C ASP B 359 -25.02 -6.46 18.66
N CYS B 360 -23.77 -6.90 18.63
CA CYS B 360 -23.35 -8.07 19.43
C CYS B 360 -21.86 -8.04 19.72
N ILE B 361 -21.37 -9.08 20.37
CA ILE B 361 -19.94 -9.20 20.69
C ILE B 361 -19.42 -10.43 19.92
N ARG B 362 -18.18 -10.37 19.42
CA ARG B 362 -17.62 -11.47 18.66
C ARG B 362 -16.30 -12.01 19.20
N ALA B 363 -16.18 -13.33 19.27
CA ALA B 363 -14.94 -13.94 19.73
C ALA B 363 -14.40 -14.84 18.59
N CYS B 364 -13.09 -14.85 18.41
CA CYS B 364 -12.46 -15.68 17.39
C CYS B 364 -11.57 -16.73 18.07
N CYS B 365 -11.77 -18.00 17.73
CA CYS B 365 -10.95 -19.09 18.28
C CYS B 365 -10.07 -19.60 17.15
N HIS B 366 -8.75 -19.68 17.39
CA HIS B 366 -7.87 -20.20 16.36
C HIS B 366 -7.38 -21.58 16.78
N TYR B 367 -6.63 -22.27 15.93
CA TYR B 367 -6.18 -23.63 16.30
C TYR B 367 -5.18 -23.64 17.45
N ILE B 368 -4.60 -22.46 17.75
CA ILE B 368 -3.66 -22.36 18.84
C ILE B 368 -4.36 -21.99 20.15
N THR B 369 -5.64 -21.64 20.06
CA THR B 369 -6.40 -21.28 21.26
C THR B 369 -6.52 -22.54 22.14
N ASP B 370 -6.51 -22.39 23.46
CA ASP B 370 -6.63 -23.54 24.35
C ASP B 370 -7.83 -23.45 25.30
N GLU B 371 -8.13 -24.58 25.96
CA GLU B 371 -9.27 -24.63 26.88
C GLU B 371 -9.20 -23.70 28.07
N GLU B 372 -8.00 -23.45 28.58
CA GLU B 372 -7.84 -22.56 29.72
C GLU B 372 -8.30 -21.15 29.32
N GLU B 373 -7.87 -20.70 28.14
CA GLU B 373 -8.26 -19.37 27.66
C GLU B 373 -9.78 -19.27 27.52
N ILE B 374 -10.40 -20.29 26.96
CA ILE B 374 -11.84 -20.29 26.81
C ILE B 374 -12.53 -20.29 28.18
N ASN B 375 -12.03 -21.08 29.11
CA ASN B 375 -12.65 -21.12 30.43
C ASN B 375 -12.46 -19.79 31.16
N HIS B 376 -11.35 -19.13 30.92
CA HIS B 376 -11.11 -17.85 31.58
C HIS B 376 -12.10 -16.81 31.04
N LEU B 377 -12.42 -16.90 29.76
CA LEU B 377 -13.38 -15.97 29.15
C LEU B 377 -14.77 -16.22 29.73
N LEU B 378 -15.17 -17.48 29.76
CA LEU B 378 -16.46 -17.86 30.28
C LEU B 378 -16.60 -17.41 31.73
N ALA B 379 -15.52 -17.53 32.50
CA ALA B 379 -15.56 -17.15 33.91
C ALA B 379 -15.84 -15.67 34.10
N ARG B 380 -15.19 -14.82 33.31
CA ARG B 380 -15.41 -13.38 33.44
C ARG B 380 -16.76 -12.96 32.85
N LEU B 381 -17.24 -13.66 31.83
CA LEU B 381 -18.53 -13.30 31.24
C LEU B 381 -19.66 -13.58 32.24
N ALA B 382 -19.46 -14.61 33.06
CA ALA B 382 -20.45 -15.00 34.05
C ALA B 382 -20.82 -13.85 35.00
N ASP B 383 -19.96 -12.84 35.06
CA ASP B 383 -20.18 -11.69 35.94
C ASP B 383 -21.29 -10.71 35.54
N PHE B 384 -21.73 -10.75 34.29
CA PHE B 384 -22.76 -9.82 33.83
C PHE B 384 -24.17 -10.45 33.84
N GLY B 385 -25.20 -9.61 33.94
CA GLY B 385 -26.58 -10.09 33.95
C GLY B 385 -27.64 -9.00 34.10
#